data_8U8C
#
_entry.id   8U8C
#
_cell.length_a   78.861
_cell.length_b   87.001
_cell.length_c   169.802
_cell.angle_alpha   90.000
_cell.angle_beta   90.000
_cell.angle_gamma   90.000
#
_symmetry.space_group_name_H-M   'P 21 21 21'
#
loop_
_entity.id
_entity.type
_entity.pdbx_description
1 polymer 'Nuclear mRNA export protein SAC3'
2 polymer 'Nuclear mRNA export protein THP1'
3 polymer '26S proteasome complex subunit SEM1'
4 polymer 'ATP-dependent RNA helicase SUB2'
5 water water
#
loop_
_entity_poly.entity_id
_entity_poly.type
_entity_poly.pdbx_seq_one_letter_code
_entity_poly.pdbx_strand_id
1 'polypeptide(L)'
;GAMGSKSQQPLQNLSHSPSYTENKPDKKKKYMINDAKTIQLVGPLISSPDNLGFQKRSHKARELPRFLINQEPQLEKRAF
VQDPWDKANQEKMISLEESIDDLNELYETLKKMRNTERSIMEEKGLVDKADSAKDLYDAIVFQGTCLDMCPTFERSRRNV
EYTVYSYEKNQPNDKKASRTKALKVFARPAAAAAPPLPSDVRPPHILVKTLDYIVDNLLTTLPESEGFLWDRMRSIRQDF
TYQNYSGPEAVDCNERIVRIHLLILHIMVKSNVEFSLQQELEQLHKSLITLSEIYDDVRSSGGTCPNEAEFRAYALLSKI
RDPQYDENIQRLPKHIFQDKLVQMALCFRRVISNSAYTERGFVKTENCLNFYARFFQLMQSPSLPLLMGFFLQMHLTDIR
FYALRALSHTLNKKHKPIPFIYLENMLLFNNRQEIIEFCNYYSIEIINGDAADLKTLQHYSHKLSETQPLKKTYLTCLER
RLQKTTYKGLINGGEDN
;
A
2 'polypeptide(L)'
;MDMANQLLDELAHGNFSHLTLNLSQNGREIAILQKQLTGFDDKQLETFVEQHPAMPNDTRFKIMCTSFLNYARDVDPWSA
WSSSDLIFEFYQCLINCLINDNAPHIEMLIPVATRETEFIINLAGKLDSFHLQLHTRSHQFLSHISSILSRLFNSIKPPR
GNASSTNIPGKQRILLYLVNKLNNIYFRIESPQLCSNIFKNFQPKSMLAHFNEYQLDQQIEYRYLLGRYYLLNSQVHNAF
VQFNEAFQSLLNLPLTNQAITRNGTRILNYMIPTGLILGKMVKWGPLRPFLSQETIDNWSVLYKHVRYGNIQGVSLWLRQ
NERHLCARQLLIVLLEKLPMVTYRNLIKTVIKSWTTEWGQNKLPYSLIERVLQLSIGPTFEDPGAQEITIYNGIHSPKNV
ENVLVTLINLGLLRANCFPQLQLCVVKKTTMIQEIVPPVNERITKMFPAHSHVLW
;
B
3 'polypeptide(L)'
;MSTDVAAAQAQSKIDLTKKKNEEINKKSLEEDDEFEDFPIDTWANGETIKSNAVTQTNIWEENWDDVEVDDDFTNELKAE
LDRYKRENQ
;
C
4 'polypeptide(L)' MSHEGEEDLLEYSDNEQEIQIDASKAAEAGETGAATSATEGDNNNNTAAGDKKGS D
#
# COMPACT_ATOMS: atom_id res chain seq x y z
N TYR A 31 -5.02 -18.52 -29.54
CA TYR A 31 -5.89 -19.63 -29.17
C TYR A 31 -5.66 -20.06 -27.72
N MET A 32 -6.66 -20.68 -27.13
CA MET A 32 -6.56 -21.10 -25.74
C MET A 32 -5.60 -22.27 -25.58
N ILE A 33 -5.13 -22.45 -24.35
CA ILE A 33 -4.17 -23.49 -24.04
C ILE A 33 -4.93 -24.79 -23.83
N ASN A 34 -4.84 -25.70 -24.79
CA ASN A 34 -5.26 -27.08 -24.59
C ASN A 34 -4.04 -27.99 -24.58
N ASP A 35 -3.99 -28.88 -23.60
CA ASP A 35 -2.83 -29.74 -23.39
C ASP A 35 -3.32 -31.01 -22.71
N ALA A 36 -2.39 -31.77 -22.14
CA ALA A 36 -2.72 -32.85 -21.24
C ALA A 36 -2.38 -32.53 -19.79
N LYS A 37 -1.22 -31.93 -19.55
CA LYS A 37 -0.79 -31.65 -18.18
C LYS A 37 -1.64 -30.56 -17.54
N THR A 38 -1.85 -29.45 -18.26
CA THR A 38 -2.62 -28.34 -17.70
C THR A 38 -4.08 -28.75 -17.47
N ILE A 39 -4.67 -29.47 -18.42
CA ILE A 39 -6.06 -29.89 -18.28
C ILE A 39 -6.24 -30.83 -17.10
N GLN A 40 -5.31 -31.79 -16.94
CA GLN A 40 -5.38 -32.70 -15.80
C GLN A 40 -5.22 -31.94 -14.49
N LEU A 41 -4.31 -30.97 -14.45
CA LEU A 41 -4.05 -30.25 -13.21
C LEU A 41 -5.25 -29.41 -12.77
N VAL A 42 -5.85 -28.68 -13.72
CA VAL A 42 -6.97 -27.81 -13.37
C VAL A 42 -8.18 -28.63 -12.92
N GLY A 43 -8.46 -29.72 -13.63
CA GLY A 43 -9.51 -30.62 -13.24
C GLY A 43 -10.79 -30.46 -14.04
N PRO A 44 -11.77 -31.31 -13.77
CA PRO A 44 -13.04 -31.25 -14.48
C PRO A 44 -14.03 -30.31 -13.79
N LEU A 45 -15.13 -30.03 -14.50
CA LEU A 45 -16.22 -29.26 -13.91
C LEU A 45 -17.02 -30.10 -12.92
N ILE A 46 -17.29 -31.36 -13.28
CA ILE A 46 -17.97 -32.30 -12.40
C ILE A 46 -17.19 -33.61 -12.38
N SER A 47 -17.44 -34.41 -11.35
CA SER A 47 -16.63 -35.61 -11.12
C SER A 47 -16.87 -36.67 -12.19
N SER A 48 -18.14 -36.97 -12.49
CA SER A 48 -18.50 -38.06 -13.39
C SER A 48 -19.48 -37.55 -14.44
N PRO A 49 -18.99 -36.88 -15.48
CA PRO A 49 -19.90 -36.35 -16.51
C PRO A 49 -20.66 -37.42 -17.26
N ASP A 50 -20.07 -38.61 -17.47
CA ASP A 50 -20.72 -39.63 -18.29
C ASP A 50 -22.00 -40.16 -17.63
N ASN A 51 -22.09 -40.10 -16.30
CA ASN A 51 -23.30 -40.52 -15.61
C ASN A 51 -24.48 -39.65 -16.04
N LEU A 52 -24.24 -38.35 -16.25
CA LEU A 52 -25.31 -37.42 -16.59
C LEU A 52 -25.71 -37.45 -18.06
N GLY A 53 -25.00 -38.20 -18.90
CA GLY A 53 -25.32 -38.31 -20.30
C GLY A 53 -24.33 -37.64 -21.24
N PHE A 54 -23.22 -37.15 -20.72
CA PHE A 54 -22.20 -36.52 -21.55
C PHE A 54 -21.30 -37.57 -22.18
N GLN A 55 -20.83 -37.27 -23.39
CA GLN A 55 -19.80 -38.06 -24.06
C GLN A 55 -18.63 -37.15 -24.39
N LYS A 56 -17.43 -37.70 -24.32
CA LYS A 56 -16.23 -36.93 -24.62
C LYS A 56 -16.21 -36.57 -26.10
N ARG A 57 -16.20 -35.26 -26.39
CA ARG A 57 -16.17 -34.76 -27.75
C ARG A 57 -14.86 -34.01 -27.99
N SER A 58 -14.30 -34.17 -29.18
CA SER A 58 -13.11 -33.44 -29.58
C SER A 58 -13.54 -32.04 -30.03
N HIS A 59 -13.46 -31.08 -29.12
CA HIS A 59 -13.88 -29.72 -29.42
C HIS A 59 -12.78 -28.99 -30.20
N LYS A 60 -13.21 -28.15 -31.15
CA LYS A 60 -12.27 -27.32 -31.89
C LYS A 60 -11.60 -26.32 -30.97
N ALA A 61 -10.38 -25.92 -31.33
CA ALA A 61 -9.69 -24.87 -30.61
C ALA A 61 -10.44 -23.56 -30.75
N ARG A 62 -10.65 -22.86 -29.64
CA ARG A 62 -11.39 -21.62 -29.62
C ARG A 62 -10.47 -20.45 -29.32
N GLU A 63 -10.81 -19.28 -29.87
CA GLU A 63 -9.96 -18.11 -29.74
C GLU A 63 -9.87 -17.70 -28.27
N LEU A 64 -8.70 -17.18 -27.89
CA LEU A 64 -8.49 -16.71 -26.53
C LEU A 64 -9.41 -15.52 -26.27
N PRO A 65 -10.19 -15.55 -25.18
CA PRO A 65 -11.10 -14.43 -24.90
C PRO A 65 -10.33 -13.15 -24.59
N ARG A 66 -11.03 -12.03 -24.78
CA ARG A 66 -10.41 -10.71 -24.67
C ARG A 66 -9.78 -10.48 -23.29
N PHE A 67 -10.37 -11.02 -22.24
CA PHE A 67 -9.94 -10.73 -20.88
C PHE A 67 -8.78 -11.59 -20.40
N LEU A 68 -8.28 -12.50 -21.24
CA LEU A 68 -7.13 -13.33 -20.88
C LEU A 68 -5.85 -12.92 -21.61
N ILE A 69 -5.86 -11.79 -22.32
CA ILE A 69 -4.65 -11.31 -22.97
C ILE A 69 -3.66 -10.84 -21.91
N ASN A 70 -2.38 -11.17 -22.11
CA ASN A 70 -1.33 -10.74 -21.20
C ASN A 70 -0.51 -9.59 -21.79
N PRO A 73 4.56 -7.50 -18.85
CA PRO A 73 5.85 -7.20 -19.46
C PRO A 73 6.81 -8.39 -19.44
N GLN A 74 7.77 -8.39 -20.36
CA GLN A 74 8.73 -9.49 -20.47
C GLN A 74 9.68 -9.48 -19.28
N LEU A 75 9.87 -10.66 -18.67
CA LEU A 75 10.67 -10.78 -17.46
C LEU A 75 11.98 -11.52 -17.66
N GLU A 76 12.25 -12.03 -18.86
CA GLU A 76 13.46 -12.78 -19.13
C GLU A 76 14.27 -12.09 -20.24
N LYS A 77 15.56 -12.37 -20.26
CA LYS A 77 16.43 -11.82 -21.28
C LYS A 77 16.05 -12.35 -22.65
N ARG A 78 16.00 -11.46 -23.63
CA ARG A 78 15.77 -11.80 -25.03
C ARG A 78 17.01 -11.44 -25.83
N ALA A 79 17.36 -12.30 -26.79
CA ALA A 79 18.45 -11.98 -27.70
C ALA A 79 18.09 -10.77 -28.55
N PHE A 80 19.06 -9.88 -28.73
CA PHE A 80 18.84 -8.68 -29.53
C PHE A 80 18.63 -9.06 -30.99
N VAL A 81 17.58 -8.51 -31.60
CA VAL A 81 17.26 -8.76 -33.00
C VAL A 81 17.09 -7.42 -33.70
N GLN A 82 17.73 -7.27 -34.86
CA GLN A 82 17.64 -6.05 -35.64
C GLN A 82 17.37 -6.39 -37.10
N ASP A 83 16.42 -5.69 -37.70
CA ASP A 83 16.11 -5.91 -39.10
C ASP A 83 17.29 -5.50 -39.97
N PRO A 84 17.62 -6.27 -41.01
CA PRO A 84 18.77 -5.90 -41.86
C PRO A 84 18.66 -4.52 -42.48
N TRP A 85 17.47 -4.12 -42.94
CA TRP A 85 17.32 -2.77 -43.47
C TRP A 85 17.50 -1.72 -42.39
N ASP A 86 16.93 -1.97 -41.20
CA ASP A 86 17.08 -1.04 -40.09
C ASP A 86 18.55 -0.87 -39.73
N LYS A 87 19.30 -1.98 -39.69
CA LYS A 87 20.74 -1.89 -39.43
C LYS A 87 21.45 -1.12 -40.53
N ALA A 88 21.11 -1.39 -41.79
CA ALA A 88 21.74 -0.67 -42.90
C ALA A 88 21.37 0.81 -42.88
N ASN A 89 20.09 1.11 -42.62
CA ASN A 89 19.66 2.51 -42.61
C ASN A 89 20.33 3.30 -41.49
N GLN A 90 20.47 2.68 -40.31
CA GLN A 90 21.12 3.37 -39.20
C GLN A 90 22.60 3.64 -39.51
N GLU A 91 23.26 2.69 -40.17
CA GLU A 91 24.66 2.89 -40.52
C GLU A 91 24.84 4.03 -41.51
N LYS A 92 23.89 4.23 -42.42
CA LYS A 92 23.96 5.38 -43.31
C LYS A 92 23.83 6.68 -42.55
N MET A 93 22.94 6.73 -41.55
CA MET A 93 22.78 7.93 -40.75
C MET A 93 24.07 8.30 -40.03
N ILE A 94 24.76 7.30 -39.48
CA ILE A 94 26.03 7.54 -38.83
C ILE A 94 27.07 8.03 -39.85
N SER A 95 27.10 7.41 -41.03
CA SER A 95 28.04 7.83 -42.06
C SER A 95 27.76 9.27 -42.50
N LEU A 96 26.49 9.63 -42.66
CA LEU A 96 26.16 11.00 -43.05
C LEU A 96 26.51 12.00 -41.94
N GLU A 97 26.38 11.60 -40.68
CA GLU A 97 26.79 12.48 -39.58
C GLU A 97 28.28 12.78 -39.66
N GLU A 98 29.08 11.80 -40.08
CA GLU A 98 30.51 12.02 -40.23
C GLU A 98 30.82 12.86 -41.48
N SER A 99 30.04 12.67 -42.55
CA SER A 99 30.39 13.30 -43.82
C SER A 99 29.89 14.74 -43.88
N ILE A 100 28.62 14.96 -43.55
CA ILE A 100 28.03 16.29 -43.64
C ILE A 100 28.51 17.13 -42.46
N ASP A 101 29.24 18.21 -42.76
CA ASP A 101 29.73 19.10 -41.72
C ASP A 101 28.74 20.20 -41.38
N ASP A 102 27.89 20.59 -42.33
CA ASP A 102 26.87 21.60 -42.05
C ASP A 102 25.79 21.00 -41.14
N LEU A 103 25.48 21.72 -40.06
CA LEU A 103 24.55 21.20 -39.06
C LEU A 103 23.14 21.08 -39.62
N ASN A 104 22.65 22.14 -40.26
CA ASN A 104 21.27 22.15 -40.73
C ASN A 104 21.08 21.22 -41.93
N GLU A 105 22.09 21.14 -42.80
CA GLU A 105 22.00 20.22 -43.93
C GLU A 105 21.95 18.78 -43.48
N LEU A 106 22.75 18.41 -42.48
CA LEU A 106 22.71 17.05 -41.95
C LEU A 106 21.34 16.75 -41.33
N TYR A 107 20.79 17.70 -40.57
CA TYR A 107 19.51 17.48 -39.93
C TYR A 107 18.39 17.31 -40.95
N GLU A 108 18.36 18.16 -41.98
CA GLU A 108 17.33 18.01 -43.01
C GLU A 108 17.53 16.73 -43.81
N THR A 109 18.77 16.30 -43.99
CA THR A 109 19.03 15.03 -44.66
C THR A 109 18.46 13.87 -43.86
N LEU A 110 18.67 13.86 -42.55
CA LEU A 110 18.13 12.79 -41.71
C LEU A 110 16.62 12.94 -41.52
N LYS A 111 16.07 14.14 -41.67
CA LYS A 111 14.63 14.32 -41.54
C LYS A 111 13.89 13.59 -42.66
N LYS A 112 14.30 13.81 -43.91
CA LYS A 112 13.67 13.10 -45.01
C LYS A 112 13.96 11.61 -44.95
N MET A 113 15.14 11.23 -44.45
CA MET A 113 15.44 9.82 -44.24
C MET A 113 14.50 9.21 -43.21
N ARG A 114 14.21 9.94 -42.13
CA ARG A 114 13.33 9.43 -41.09
C ARG A 114 11.92 9.22 -41.62
N ASN A 115 11.45 10.13 -42.48
CA ASN A 115 10.12 9.96 -43.07
C ASN A 115 10.06 8.68 -43.89
N THR A 116 11.11 8.39 -44.67
CA THR A 116 11.19 7.11 -45.36
C THR A 116 11.26 5.95 -44.37
N GLU A 117 12.01 6.14 -43.27
CA GLU A 117 12.19 5.07 -42.30
C GLU A 117 10.88 4.66 -41.65
N ARG A 118 10.03 5.62 -41.30
CA ARG A 118 8.81 5.31 -40.56
C ARG A 118 7.88 4.43 -41.38
N SER A 119 7.66 4.77 -42.65
CA SER A 119 6.77 3.98 -43.49
C SER A 119 7.31 2.56 -43.67
N ILE A 120 8.62 2.44 -43.88
CA ILE A 120 9.23 1.13 -44.06
C ILE A 120 9.13 0.32 -42.76
N MET A 121 9.43 0.94 -41.62
CA MET A 121 9.30 0.26 -40.34
C MET A 121 7.84 -0.12 -40.08
N GLU A 122 6.91 0.74 -40.50
CA GLU A 122 5.50 0.39 -40.41
C GLU A 122 5.17 -0.83 -41.27
N GLU A 123 5.72 -0.87 -42.49
CA GLU A 123 5.44 -1.99 -43.40
C GLU A 123 5.99 -3.30 -42.85
N LYS A 124 7.16 -3.24 -42.20
CA LYS A 124 7.74 -4.44 -41.61
C LYS A 124 6.98 -4.92 -40.39
N GLY A 125 6.05 -4.14 -39.86
CA GLY A 125 5.37 -4.52 -38.64
C GLY A 125 6.18 -4.34 -37.38
N LEU A 126 7.20 -3.48 -37.41
CA LEU A 126 8.05 -3.23 -36.24
C LEU A 126 7.71 -1.94 -35.51
N VAL A 127 6.71 -1.19 -35.97
CA VAL A 127 6.20 -0.02 -35.26
C VAL A 127 4.76 0.22 -35.69
N ASP A 128 3.94 0.67 -34.75
CA ASP A 128 2.54 0.94 -35.05
C ASP A 128 2.40 2.21 -35.89
N LYS A 129 1.32 2.28 -36.64
CA LYS A 129 1.04 3.43 -37.49
C LYS A 129 0.63 4.64 -36.66
N ALA A 139 -0.97 -7.03 -30.66
CA ALA A 139 -0.08 -5.88 -30.46
C ALA A 139 1.34 -6.21 -30.87
N ILE A 140 2.11 -5.17 -31.20
CA ILE A 140 3.49 -5.32 -31.64
C ILE A 140 4.39 -5.32 -30.41
N VAL A 141 5.24 -6.34 -30.30
CA VAL A 141 6.26 -6.38 -29.26
C VAL A 141 7.42 -5.52 -29.75
N PHE A 142 7.51 -4.30 -29.22
CA PHE A 142 8.46 -3.32 -29.72
C PHE A 142 9.87 -3.62 -29.23
N GLN A 143 10.83 -3.56 -30.14
CA GLN A 143 12.23 -3.84 -29.82
C GLN A 143 13.08 -2.66 -30.27
N GLY A 144 13.78 -2.04 -29.33
CA GLY A 144 14.65 -0.93 -29.67
C GLY A 144 15.95 -1.40 -30.29
N THR A 145 16.45 -0.62 -31.25
CA THR A 145 17.66 -1.00 -31.98
C THR A 145 18.68 0.13 -32.05
N CYS A 146 18.55 1.13 -31.19
CA CYS A 146 19.53 2.23 -31.15
C CYS A 146 20.73 1.76 -30.33
N LEU A 147 21.88 1.61 -30.98
CA LEU A 147 23.06 1.10 -30.30
C LEU A 147 23.93 2.20 -29.70
N ASP A 148 23.64 3.46 -29.96
CA ASP A 148 24.29 4.56 -29.27
C ASP A 148 23.55 4.90 -27.98
N MET A 149 24.19 5.71 -27.13
CA MET A 149 23.51 6.22 -25.95
C MET A 149 22.46 7.27 -26.29
N CYS A 150 22.53 7.84 -27.50
CA CYS A 150 21.55 8.79 -27.98
C CYS A 150 21.33 8.47 -29.46
N PRO A 151 20.08 8.43 -29.91
CA PRO A 151 19.82 8.14 -31.33
C PRO A 151 20.50 9.15 -32.24
N THR A 152 20.99 8.66 -33.37
CA THR A 152 21.73 9.51 -34.31
C THR A 152 20.84 10.66 -34.80
N PHE A 153 19.57 10.37 -35.09
CA PHE A 153 18.66 11.42 -35.51
C PHE A 153 18.49 12.48 -34.42
N GLU A 154 18.40 12.05 -33.16
CA GLU A 154 18.24 13.01 -32.07
C GLU A 154 19.47 13.90 -31.93
N ARG A 155 20.67 13.33 -32.10
CA ARG A 155 21.89 14.12 -32.00
C ARG A 155 21.88 15.28 -32.98
N SER A 156 21.51 15.01 -34.24
CA SER A 156 21.46 16.07 -35.24
C SER A 156 20.37 17.08 -34.92
N ARG A 157 19.23 16.63 -34.40
CA ARG A 157 18.16 17.56 -34.06
C ARG A 157 18.60 18.51 -32.96
N ARG A 158 19.22 17.98 -31.90
CA ARG A 158 19.66 18.83 -30.80
C ARG A 158 20.83 19.72 -31.20
N ASN A 159 21.57 19.36 -32.26
CA ASN A 159 22.55 20.28 -32.81
C ASN A 159 21.88 21.53 -33.37
N VAL A 160 20.75 21.35 -34.07
CA VAL A 160 20.05 22.47 -34.68
C VAL A 160 19.38 23.34 -33.60
N GLU A 161 18.80 22.71 -32.58
CA GLU A 161 18.15 23.47 -31.51
C GLU A 161 19.13 23.94 -30.44
N TYR A 162 20.41 23.58 -30.56
CA TYR A 162 21.44 23.98 -29.60
C TYR A 162 21.04 23.61 -28.17
N THR A 163 20.47 22.42 -28.02
CA THR A 163 20.13 21.85 -26.73
C THR A 163 21.08 20.71 -26.35
N VAL A 164 22.32 20.78 -26.84
CA VAL A 164 23.35 19.81 -26.51
C VAL A 164 24.12 20.32 -25.30
N TYR A 165 24.32 19.44 -24.31
CA TYR A 165 25.07 19.81 -23.13
C TYR A 165 26.57 19.74 -23.38
N SER A 166 27.32 20.48 -22.57
CA SER A 166 28.79 20.38 -22.63
C SER A 166 29.26 18.97 -22.33
N TYR A 167 28.53 18.24 -21.48
CA TYR A 167 28.89 16.86 -21.19
C TYR A 167 28.73 15.93 -22.40
N GLU A 168 27.99 16.37 -23.42
CA GLU A 168 27.70 15.55 -24.58
C GLU A 168 28.58 15.89 -25.78
N LYS A 169 29.64 16.68 -25.58
CA LYS A 169 30.51 17.08 -26.67
C LYS A 169 31.92 16.59 -26.40
N ASN A 170 32.64 16.26 -27.48
CA ASN A 170 34.06 15.96 -27.35
C ASN A 170 34.81 17.13 -26.72
N GLN A 171 34.67 18.31 -27.30
CA GLN A 171 35.29 19.53 -26.81
C GLN A 171 34.20 20.57 -26.62
N PRO A 172 34.37 21.50 -25.68
CA PRO A 172 33.26 22.43 -25.35
C PRO A 172 32.73 23.21 -26.54
N ASN A 173 33.60 23.62 -27.46
CA ASN A 173 33.20 24.47 -28.58
C ASN A 173 32.77 23.68 -29.81
N ASP A 174 32.66 22.36 -29.70
CA ASP A 174 32.24 21.56 -30.85
C ASP A 174 30.82 21.93 -31.27
N LYS A 175 30.62 22.03 -32.59
CA LYS A 175 29.29 22.29 -33.11
C LYS A 175 28.40 21.05 -33.11
N LYS A 176 28.98 19.87 -33.01
CA LYS A 176 28.25 18.61 -33.12
C LYS A 176 28.25 17.88 -31.79
N ALA A 177 27.13 17.24 -31.48
CA ALA A 177 27.06 16.36 -30.32
C ALA A 177 27.85 15.09 -30.59
N SER A 178 28.66 14.68 -29.62
CA SER A 178 29.50 13.50 -29.79
C SER A 178 28.64 12.24 -29.78
N ARG A 179 28.91 11.34 -30.73
CA ARG A 179 28.15 10.10 -30.80
C ARG A 179 28.41 9.21 -29.59
N THR A 180 29.61 9.29 -29.00
CA THR A 180 29.98 8.47 -27.85
C THR A 180 29.75 9.17 -26.53
N LYS A 181 29.16 10.37 -26.53
CA LYS A 181 28.98 11.10 -25.28
C LYS A 181 27.53 11.57 -25.09
N ALA A 182 26.81 11.77 -26.19
CA ALA A 182 25.45 12.28 -26.11
C ALA A 182 24.52 11.24 -25.50
N LEU A 183 23.56 11.71 -24.71
CA LEU A 183 22.59 10.86 -24.02
C LEU A 183 21.19 11.26 -24.45
N LYS A 184 20.36 10.26 -24.77
CA LYS A 184 19.00 10.54 -25.24
C LYS A 184 18.19 11.27 -24.18
N VAL A 185 17.53 12.35 -24.58
CA VAL A 185 16.68 13.10 -23.66
C VAL A 185 15.37 12.35 -23.45
N PHE A 186 14.65 12.74 -22.40
CA PHE A 186 13.33 12.20 -22.16
C PHE A 186 12.39 12.67 -23.28
N ALA A 187 11.73 11.72 -23.94
CA ALA A 187 10.89 12.05 -25.08
C ALA A 187 9.65 12.80 -24.63
N ARG A 188 9.40 13.95 -25.26
CA ARG A 188 8.28 14.83 -24.92
C ARG A 188 7.52 15.19 -26.19
N PRO A 189 6.85 14.21 -26.82
CA PRO A 189 6.17 14.49 -28.09
C PRO A 189 4.76 15.05 -27.89
N ALA A 193 4.34 12.91 -31.51
CA ALA A 193 3.05 12.23 -31.37
C ALA A 193 3.10 10.83 -31.96
N ALA A 194 3.85 10.67 -33.06
CA ALA A 194 4.00 9.37 -33.69
C ALA A 194 4.80 8.43 -32.77
N PRO A 195 4.53 7.13 -32.83
CA PRO A 195 5.26 6.18 -31.98
C PRO A 195 6.74 6.22 -32.27
N PRO A 196 7.59 6.08 -31.26
CA PRO A 196 9.04 6.06 -31.51
C PRO A 196 9.44 4.88 -32.39
N LEU A 197 10.37 5.14 -33.29
CA LEU A 197 10.89 4.10 -34.16
C LEU A 197 11.88 3.22 -33.39
N PRO A 198 12.14 2.00 -33.88
CA PRO A 198 13.17 1.16 -33.24
C PRO A 198 14.51 1.86 -33.13
N SER A 199 14.88 2.69 -34.11
CA SER A 199 16.13 3.42 -34.05
C SER A 199 16.12 4.54 -33.00
N ASP A 200 14.96 4.85 -32.42
CA ASP A 200 14.89 5.87 -31.37
C ASP A 200 15.12 5.32 -29.97
N VAL A 201 14.98 4.01 -29.78
CA VAL A 201 14.93 3.41 -28.45
C VAL A 201 16.11 2.47 -28.29
N ARG A 202 16.82 2.61 -27.18
CA ARG A 202 17.94 1.73 -26.91
C ARG A 202 17.47 0.39 -26.35
N PRO A 203 18.06 -0.71 -26.79
CA PRO A 203 17.70 -2.03 -26.23
C PRO A 203 18.23 -2.16 -24.81
N PRO A 204 17.75 -3.16 -24.06
CA PRO A 204 18.12 -3.25 -22.63
C PRO A 204 19.62 -3.27 -22.36
N HIS A 205 20.42 -3.96 -23.17
CA HIS A 205 21.85 -4.04 -22.90
C HIS A 205 22.55 -2.72 -23.17
N ILE A 206 22.06 -1.96 -24.17
CA ILE A 206 22.58 -0.61 -24.39
C ILE A 206 22.16 0.31 -23.25
N LEU A 207 20.95 0.13 -22.74
CA LEU A 207 20.51 0.93 -21.60
C LEU A 207 21.40 0.70 -20.38
N VAL A 208 21.80 -0.56 -20.15
CA VAL A 208 22.77 -0.84 -19.10
C VAL A 208 24.10 -0.18 -19.40
N LYS A 209 24.53 -0.21 -20.66
CA LYS A 209 25.77 0.45 -21.06
C LYS A 209 25.70 1.94 -20.79
N THR A 210 24.55 2.57 -21.06
CA THR A 210 24.39 4.00 -20.82
C THR A 210 24.49 4.33 -19.33
N LEU A 211 23.81 3.56 -18.50
CA LEU A 211 23.88 3.81 -17.06
C LEU A 211 25.29 3.57 -16.53
N ASP A 212 25.97 2.55 -17.05
CA ASP A 212 27.36 2.32 -16.68
C ASP A 212 28.21 3.55 -16.99
N TYR A 213 27.99 4.16 -18.15
CA TYR A 213 28.72 5.37 -18.52
C TYR A 213 28.42 6.51 -17.56
N ILE A 214 27.16 6.66 -17.17
CA ILE A 214 26.79 7.72 -16.23
C ILE A 214 27.49 7.50 -14.89
N VAL A 215 27.46 6.26 -14.39
CA VAL A 215 28.07 5.96 -13.10
C VAL A 215 29.57 6.18 -13.16
N ASP A 216 30.20 5.77 -14.26
CA ASP A 216 31.66 5.84 -14.37
C ASP A 216 32.18 7.24 -14.63
N ASN A 217 31.38 8.12 -15.24
CA ASN A 217 31.89 9.38 -15.75
C ASN A 217 31.16 10.64 -15.29
N LEU A 218 29.92 10.55 -14.84
CA LEU A 218 29.10 11.73 -14.65
C LEU A 218 28.64 11.97 -13.23
N LEU A 219 28.90 11.07 -12.29
CA LEU A 219 28.47 11.29 -10.92
C LEU A 219 29.22 12.45 -10.28
N THR A 220 30.52 12.60 -10.59
CA THR A 220 31.31 13.68 -10.01
C THR A 220 30.96 15.05 -10.61
N THR A 221 30.17 15.11 -11.67
CA THR A 221 29.75 16.39 -12.21
C THR A 221 28.60 17.01 -11.42
N LEU A 222 28.03 16.28 -10.48
CA LEU A 222 27.04 16.87 -9.59
C LEU A 222 27.72 17.89 -8.67
N PRO A 223 27.00 18.94 -8.26
CA PRO A 223 25.58 19.22 -8.48
C PRO A 223 25.26 19.95 -9.77
N GLU A 224 26.28 20.34 -10.56
CA GLU A 224 26.03 21.15 -11.75
C GLU A 224 25.22 20.40 -12.80
N SER A 225 25.34 19.08 -12.87
CA SER A 225 24.74 18.28 -13.93
C SER A 225 23.41 17.67 -13.53
N GLU A 226 22.80 18.13 -12.43
CA GLU A 226 21.61 17.48 -11.91
C GLU A 226 20.46 17.52 -12.91
N GLY A 227 20.27 18.67 -13.58
CA GLY A 227 19.24 18.73 -14.61
C GLY A 227 19.50 17.76 -15.74
N PHE A 228 20.77 17.64 -16.15
CA PHE A 228 21.14 16.70 -17.21
C PHE A 228 20.91 15.26 -16.78
N LEU A 229 21.42 14.89 -15.60
CA LEU A 229 21.30 13.52 -15.13
C LEU A 229 19.86 13.12 -14.88
N TRP A 230 19.07 14.01 -14.27
CA TRP A 230 17.67 13.71 -14.00
C TRP A 230 16.91 13.42 -15.29
N ASP A 231 17.14 14.23 -16.33
CA ASP A 231 16.46 14.01 -17.61
C ASP A 231 16.95 12.73 -18.29
N ARG A 232 18.25 12.49 -18.29
CA ARG A 232 18.79 11.32 -18.98
C ARG A 232 18.38 10.02 -18.30
N MET A 233 18.35 10.03 -16.97
CA MET A 233 17.91 8.83 -16.24
C MET A 233 16.42 8.57 -16.47
N ARG A 234 15.63 9.65 -16.57
CA ARG A 234 14.23 9.50 -16.90
C ARG A 234 14.06 8.87 -18.28
N SER A 235 14.90 9.26 -19.24
CA SER A 235 14.81 8.68 -20.58
C SER A 235 15.20 7.20 -20.57
N ILE A 236 16.20 6.82 -19.77
CA ILE A 236 16.58 5.42 -19.67
C ILE A 236 15.41 4.57 -19.20
N ARG A 237 14.67 5.06 -18.20
CA ARG A 237 13.49 4.35 -17.75
C ARG A 237 12.37 4.40 -18.79
N GLN A 238 12.30 5.48 -19.58
CA GLN A 238 11.28 5.57 -20.61
C GLN A 238 11.50 4.51 -21.69
N ASP A 239 12.75 4.25 -22.06
CA ASP A 239 13.03 3.28 -23.10
C ASP A 239 12.59 1.87 -22.70
N PHE A 240 12.75 1.53 -21.41
CA PHE A 240 12.26 0.24 -20.94
C PHE A 240 10.75 0.14 -21.07
N THR A 241 10.04 1.23 -20.78
CA THR A 241 8.59 1.22 -20.92
C THR A 241 8.17 1.10 -22.38
N TYR A 242 8.93 1.74 -23.28
CA TYR A 242 8.62 1.63 -24.72
C TYR A 242 8.66 0.18 -25.18
N GLN A 243 9.65 -0.57 -24.71
CA GLN A 243 9.79 -1.98 -25.03
C GLN A 243 8.99 -2.89 -24.11
N ASN A 244 8.31 -2.32 -23.11
CA ASN A 244 7.52 -3.11 -22.15
C ASN A 244 8.38 -4.22 -21.53
N TYR A 245 9.60 -3.86 -21.17
CA TYR A 245 10.62 -4.82 -20.73
C TYR A 245 10.86 -4.69 -19.23
N SER A 246 10.75 -5.81 -18.52
CA SER A 246 10.97 -5.85 -17.08
C SER A 246 11.99 -6.92 -16.71
N GLY A 247 12.96 -7.16 -17.59
CA GLY A 247 13.97 -8.15 -17.34
C GLY A 247 15.04 -7.64 -16.39
N PRO A 248 16.10 -8.43 -16.22
CA PRO A 248 17.16 -8.04 -15.27
C PRO A 248 17.78 -6.69 -15.56
N GLU A 249 17.85 -6.28 -16.83
CA GLU A 249 18.38 -4.96 -17.14
C GLU A 249 17.49 -3.86 -16.56
N ALA A 250 16.17 -4.01 -16.68
CA ALA A 250 15.27 -3.01 -16.12
C ALA A 250 15.38 -2.93 -14.60
N VAL A 251 15.51 -4.09 -13.94
CA VAL A 251 15.70 -4.09 -12.49
C VAL A 251 17.01 -3.42 -12.13
N ASP A 252 18.10 -3.81 -12.80
CA ASP A 252 19.41 -3.25 -12.47
C ASP A 252 19.45 -1.75 -12.73
N CYS A 253 18.85 -1.30 -13.84
CA CYS A 253 18.88 0.12 -14.17
C CYS A 253 18.02 0.94 -13.22
N ASN A 254 16.83 0.46 -12.89
CA ASN A 254 15.96 1.20 -11.97
C ASN A 254 16.57 1.25 -10.58
N GLU A 255 17.22 0.16 -10.15
CA GLU A 255 17.82 0.14 -8.82
C GLU A 255 18.92 1.18 -8.70
N ARG A 256 19.84 1.21 -9.67
CA ARG A 256 20.95 2.16 -9.57
C ARG A 256 20.49 3.59 -9.78
N ILE A 257 19.47 3.81 -10.63
CA ILE A 257 18.93 5.16 -10.79
C ILE A 257 18.33 5.65 -9.48
N VAL A 258 17.59 4.79 -8.78
CA VAL A 258 17.07 5.16 -7.46
C VAL A 258 18.21 5.55 -6.54
N ARG A 259 19.30 4.78 -6.56
CA ARG A 259 20.46 5.12 -5.74
C ARG A 259 21.04 6.47 -6.13
N ILE A 260 21.10 6.75 -7.43
CA ILE A 260 21.60 8.06 -7.89
C ILE A 260 20.70 9.17 -7.40
N HIS A 261 19.38 8.96 -7.43
CA HIS A 261 18.45 9.96 -6.93
C HIS A 261 18.72 10.27 -5.46
N LEU A 262 18.93 9.24 -4.65
CA LEU A 262 19.21 9.45 -3.22
C LEU A 262 20.51 10.20 -3.03
N LEU A 263 21.54 9.88 -3.83
CA LEU A 263 22.78 10.64 -3.78
C LEU A 263 22.54 12.09 -4.18
N ILE A 264 21.72 12.32 -5.22
CA ILE A 264 21.47 13.68 -5.69
C ILE A 264 20.79 14.50 -4.60
N LEU A 265 19.85 13.89 -3.88
CA LEU A 265 19.11 14.62 -2.85
C LEU A 265 20.06 15.25 -1.83
N HIS A 266 21.05 14.49 -1.36
CA HIS A 266 21.99 15.04 -0.38
C HIS A 266 22.94 16.06 -1.02
N ILE A 267 23.41 15.78 -2.23
CA ILE A 267 24.41 16.65 -2.85
C ILE A 267 23.82 18.04 -3.15
N MET A 268 22.59 18.09 -3.65
CA MET A 268 21.98 19.38 -3.95
C MET A 268 21.71 20.19 -2.68
N VAL A 269 21.23 19.53 -1.62
CA VAL A 269 20.92 20.25 -0.39
C VAL A 269 22.20 20.73 0.28
N LYS A 270 23.23 19.87 0.34
CA LYS A 270 24.49 20.25 0.97
C LYS A 270 25.16 21.41 0.22
N SER A 271 25.13 21.37 -1.11
CA SER A 271 25.77 22.41 -1.91
C SER A 271 24.91 23.66 -2.05
N ASN A 272 23.68 23.64 -1.55
CA ASN A 272 22.77 24.79 -1.61
C ASN A 272 22.51 25.23 -3.05
N VAL A 273 22.55 24.29 -3.99
CA VAL A 273 22.27 24.57 -5.39
C VAL A 273 20.78 24.39 -5.64
N GLU A 274 20.15 25.41 -6.20
CA GLU A 274 18.70 25.39 -6.39
C GLU A 274 18.28 24.26 -7.32
N PHE A 275 17.26 23.52 -6.93
CA PHE A 275 16.73 22.42 -7.72
C PHE A 275 15.29 22.16 -7.31
N SER A 276 14.58 21.40 -8.14
CA SER A 276 13.22 21.00 -7.82
C SER A 276 13.29 19.72 -6.99
N LEU A 277 13.11 19.89 -5.68
CA LEU A 277 12.98 18.72 -4.81
C LEU A 277 11.81 17.85 -5.25
N GLN A 278 10.72 18.48 -5.67
CA GLN A 278 9.52 17.75 -6.07
C GLN A 278 9.79 16.85 -7.27
N GLN A 279 10.48 17.37 -8.29
CA GLN A 279 10.73 16.57 -9.48
C GLN A 279 11.70 15.42 -9.20
N GLU A 280 12.68 15.65 -8.33
CA GLU A 280 13.60 14.58 -7.98
C GLU A 280 12.90 13.48 -7.21
N LEU A 281 12.00 13.83 -6.29
CA LEU A 281 11.30 12.82 -5.51
C LEU A 281 10.23 12.11 -6.32
N GLU A 282 9.57 12.81 -7.26
CA GLU A 282 8.56 12.17 -8.10
C GLU A 282 9.17 11.03 -8.92
N GLN A 283 10.25 11.33 -9.65
CA GLN A 283 10.90 10.29 -10.44
C GLN A 283 11.48 9.20 -9.57
N LEU A 284 12.06 9.57 -8.42
CA LEU A 284 12.55 8.58 -7.48
C LEU A 284 11.43 7.68 -6.99
N HIS A 285 10.27 8.28 -6.66
CA HIS A 285 9.11 7.50 -6.26
C HIS A 285 8.60 6.62 -7.41
N LYS A 286 8.55 7.17 -8.62
CA LYS A 286 8.07 6.40 -9.77
C LYS A 286 8.97 5.20 -10.04
N SER A 287 10.29 5.39 -9.96
CA SER A 287 11.19 4.27 -10.15
C SER A 287 11.04 3.23 -9.05
N LEU A 288 10.68 3.65 -7.83
CA LEU A 288 10.44 2.69 -6.76
C LEU A 288 9.15 1.91 -7.01
N ILE A 289 8.11 2.58 -7.53
CA ILE A 289 6.88 1.89 -7.89
C ILE A 289 7.14 0.86 -8.97
N THR A 290 7.93 1.24 -9.99
CA THR A 290 8.29 0.30 -11.06
C THR A 290 9.02 -0.91 -10.49
N LEU A 291 9.98 -0.67 -9.59
CA LEU A 291 10.73 -1.77 -9.01
C LEU A 291 9.82 -2.70 -8.22
N SER A 292 8.89 -2.13 -7.45
CA SER A 292 7.95 -2.95 -6.70
C SER A 292 7.10 -3.81 -7.63
N GLU A 293 6.66 -3.23 -8.75
CA GLU A 293 5.85 -3.98 -9.71
C GLU A 293 6.64 -5.13 -10.34
N ILE A 294 7.91 -4.88 -10.68
CA ILE A 294 8.73 -5.95 -11.24
C ILE A 294 9.02 -7.01 -10.17
N TYR A 295 9.27 -6.57 -8.94
CA TYR A 295 9.47 -7.53 -7.85
C TYR A 295 8.24 -8.41 -7.67
N ASP A 296 7.04 -7.84 -7.80
CA ASP A 296 5.82 -8.62 -7.69
C ASP A 296 5.70 -9.63 -8.83
N ASP A 297 5.91 -9.19 -10.07
CA ASP A 297 5.78 -10.08 -11.22
C ASP A 297 6.82 -11.19 -11.19
N VAL A 298 8.04 -10.87 -10.77
CA VAL A 298 9.09 -11.89 -10.67
C VAL A 298 8.72 -12.92 -9.62
N ARG A 299 8.17 -12.47 -8.48
CA ARG A 299 7.75 -13.41 -7.44
C ARG A 299 6.65 -14.33 -7.96
N SER A 300 5.68 -13.77 -8.68
CA SER A 300 4.59 -14.59 -9.21
C SER A 300 5.07 -15.64 -10.17
N SER A 301 6.17 -15.38 -10.88
CA SER A 301 6.73 -16.33 -11.83
C SER A 301 7.72 -17.29 -11.19
N GLY A 302 7.99 -17.17 -9.90
CA GLY A 302 8.87 -18.08 -9.20
C GLY A 302 10.33 -17.69 -9.16
N GLY A 303 10.69 -16.47 -9.55
CA GLY A 303 12.05 -16.00 -9.51
C GLY A 303 12.34 -15.15 -8.27
N THR A 304 13.58 -14.69 -8.19
CA THR A 304 14.00 -13.79 -7.11
C THR A 304 14.86 -12.67 -7.68
N CYS A 305 14.85 -11.53 -6.97
CA CYS A 305 15.71 -10.40 -7.28
C CYS A 305 16.61 -10.15 -6.08
N PRO A 306 17.93 -10.23 -6.23
CA PRO A 306 18.82 -10.18 -5.06
C PRO A 306 18.69 -8.90 -4.23
N ASN A 307 18.37 -7.77 -4.86
CA ASN A 307 18.38 -6.47 -4.18
C ASN A 307 16.99 -6.02 -3.77
N GLU A 308 16.00 -6.92 -3.74
CA GLU A 308 14.62 -6.49 -3.48
C GLU A 308 14.47 -5.86 -2.12
N ALA A 309 15.09 -6.45 -1.09
CA ALA A 309 14.92 -5.95 0.27
C ALA A 309 15.41 -4.51 0.40
N GLU A 310 16.53 -4.19 -0.23
CA GLU A 310 17.07 -2.83 -0.14
C GLU A 310 16.08 -1.81 -0.69
N PHE A 311 15.43 -2.14 -1.80
CA PHE A 311 14.54 -1.18 -2.46
C PHE A 311 13.10 -1.27 -1.98
N ARG A 312 12.71 -2.37 -1.34
CA ARG A 312 11.50 -2.34 -0.52
C ARG A 312 11.68 -1.39 0.66
N ALA A 313 12.88 -1.34 1.22
CA ALA A 313 13.16 -0.43 2.33
C ALA A 313 13.09 1.02 1.87
N TYR A 314 13.66 1.33 0.70
CA TYR A 314 13.56 2.69 0.18
C TYR A 314 12.11 3.09 -0.06
N ALA A 315 11.31 2.17 -0.62
CA ALA A 315 9.91 2.47 -0.90
C ALA A 315 9.13 2.75 0.37
N LEU A 316 9.51 2.12 1.48
CA LEU A 316 8.89 2.40 2.76
C LEU A 316 9.16 3.83 3.23
N LEU A 317 10.18 4.49 2.67
CA LEU A 317 10.54 5.85 3.06
C LEU A 317 10.05 6.91 2.07
N SER A 318 9.57 6.51 0.89
CA SER A 318 9.11 7.50 -0.09
C SER A 318 7.88 8.25 0.43
N LYS A 319 6.93 7.54 1.06
CA LYS A 319 5.75 8.15 1.66
C LYS A 319 5.71 7.66 3.10
N ILE A 320 6.41 8.38 3.98
CA ILE A 320 6.74 7.84 5.30
C ILE A 320 5.50 7.64 6.17
N ARG A 321 4.42 8.39 5.91
CA ARG A 321 3.22 8.33 6.73
C ARG A 321 2.04 7.66 6.01
N ASP A 322 2.27 7.06 4.86
CA ASP A 322 1.19 6.41 4.13
C ASP A 322 0.98 5.00 4.64
N PRO A 323 -0.18 4.68 5.23
CA PRO A 323 -0.39 3.31 5.74
C PRO A 323 -0.36 2.24 4.65
N GLN A 324 -0.54 2.63 3.39
CA GLN A 324 -0.50 1.68 2.28
C GLN A 324 0.77 0.85 2.30
N TYR A 325 1.92 1.49 2.55
CA TYR A 325 3.20 0.79 2.45
C TYR A 325 3.42 -0.11 3.66
N ASP A 326 2.83 0.21 4.81
CA ASP A 326 2.81 -0.72 5.93
C ASP A 326 2.00 -1.97 5.59
N GLU A 327 0.89 -1.79 4.86
CA GLU A 327 0.08 -2.94 4.46
C GLU A 327 0.83 -3.81 3.46
N ASN A 328 1.43 -3.19 2.44
CA ASN A 328 2.09 -3.98 1.39
C ASN A 328 3.29 -4.74 1.93
N ILE A 329 4.06 -4.13 2.83
CA ILE A 329 5.26 -4.79 3.33
C ILE A 329 4.91 -6.02 4.15
N GLN A 330 3.75 -6.03 4.80
CA GLN A 330 3.35 -7.18 5.60
C GLN A 330 2.98 -8.38 4.73
N ARG A 331 2.61 -8.15 3.46
CA ARG A 331 2.27 -9.25 2.56
C ARG A 331 3.49 -9.98 2.03
N LEU A 332 4.67 -9.39 2.13
CA LEU A 332 5.86 -9.95 1.50
C LEU A 332 6.38 -11.15 2.29
N PRO A 333 7.18 -12.01 1.65
CA PRO A 333 7.73 -13.17 2.36
C PRO A 333 8.55 -12.78 3.58
N LYS A 334 8.79 -13.78 4.44
CA LYS A 334 9.46 -13.53 5.71
C LYS A 334 10.87 -12.98 5.52
N HIS A 335 11.63 -13.55 4.58
CA HIS A 335 13.03 -13.13 4.40
C HIS A 335 13.13 -11.69 3.89
N ILE A 336 12.11 -11.18 3.23
CA ILE A 336 12.10 -9.76 2.86
C ILE A 336 11.72 -8.90 4.05
N PHE A 337 10.66 -9.30 4.77
CA PHE A 337 10.19 -8.51 5.90
C PHE A 337 11.26 -8.41 6.99
N GLN A 338 11.97 -9.50 7.23
CA GLN A 338 12.95 -9.57 8.33
C GLN A 338 14.33 -9.05 7.92
N ASP A 339 14.52 -8.68 6.66
CA ASP A 339 15.81 -8.14 6.25
C ASP A 339 16.12 -6.86 7.00
N LYS A 340 17.40 -6.69 7.37
CA LYS A 340 17.79 -5.59 8.25
C LYS A 340 17.42 -4.23 7.66
N LEU A 341 17.54 -4.09 6.34
CA LEU A 341 17.19 -2.82 5.71
C LEU A 341 15.70 -2.52 5.83
N VAL A 342 14.85 -3.53 5.61
CA VAL A 342 13.41 -3.33 5.78
C VAL A 342 13.09 -3.05 7.24
N GLN A 343 13.72 -3.78 8.15
CA GLN A 343 13.49 -3.54 9.58
C GLN A 343 13.90 -2.13 9.97
N MET A 344 15.03 -1.67 9.44
CA MET A 344 15.47 -0.31 9.73
C MET A 344 14.47 0.72 9.25
N ALA A 345 13.96 0.54 8.02
CA ALA A 345 12.97 1.48 7.49
C ALA A 345 11.70 1.44 8.31
N LEU A 346 11.27 0.26 8.74
CA LEU A 346 10.06 0.15 9.55
C LEU A 346 10.23 0.87 10.89
N CYS A 347 11.42 0.78 11.48
CA CYS A 347 11.69 1.54 12.70
C CYS A 347 11.51 3.02 12.47
N PHE A 348 12.02 3.53 11.35
CA PHE A 348 11.92 4.97 11.07
C PHE A 348 10.47 5.38 10.89
N ARG A 349 9.66 4.55 10.24
CA ARG A 349 8.24 4.87 10.10
C ARG A 349 7.57 4.95 11.46
N ARG A 350 7.95 4.08 12.40
CA ARG A 350 7.35 4.10 13.73
C ARG A 350 7.76 5.35 14.50
N VAL A 351 9.05 5.68 14.51
CA VAL A 351 9.50 6.83 15.30
C VAL A 351 8.98 8.13 14.71
N ILE A 352 8.87 8.22 13.39
CA ILE A 352 8.41 9.45 12.74
C ILE A 352 6.91 9.65 12.91
N SER A 353 6.15 8.57 13.11
CA SER A 353 4.70 8.67 13.23
C SER A 353 4.32 9.64 14.35
N ASN A 354 3.33 10.49 14.07
CA ASN A 354 2.90 11.51 15.01
C ASN A 354 1.40 11.67 14.94
N SER A 355 0.74 11.61 16.09
CA SER A 355 -0.71 11.83 16.19
C SER A 355 -1.08 13.30 16.05
N ALA A 356 -0.11 14.20 16.07
CA ALA A 356 -0.37 15.62 15.89
C ALA A 356 0.01 16.14 14.51
N TYR A 357 0.49 15.26 13.63
CA TYR A 357 0.89 15.67 12.29
C TYR A 357 -0.28 16.32 11.57
N THR A 358 -0.10 17.58 11.17
CA THR A 358 -1.20 18.39 10.65
C THR A 358 -0.89 18.79 9.20
N GLU A 359 -1.77 18.37 8.30
CA GLU A 359 -1.66 18.69 6.89
C GLU A 359 -3.02 18.43 6.26
N ARG A 360 -3.43 19.31 5.34
CA ARG A 360 -4.73 19.17 4.71
C ARG A 360 -4.81 17.83 3.97
N GLY A 361 -5.82 17.03 4.31
CA GLY A 361 -6.00 15.74 3.71
C GLY A 361 -5.35 14.58 4.44
N PHE A 362 -4.60 14.83 5.51
CA PHE A 362 -3.96 13.78 6.29
C PHE A 362 -4.85 13.42 7.47
N VAL A 363 -5.14 12.15 7.62
CA VAL A 363 -5.99 11.66 8.70
C VAL A 363 -5.11 11.24 9.87
N LYS A 364 -5.30 11.89 11.01
CA LYS A 364 -4.53 11.56 12.20
C LYS A 364 -4.93 10.20 12.73
N THR A 365 -3.95 9.44 13.20
CA THR A 365 -4.20 8.12 13.76
C THR A 365 -3.73 8.07 15.21
N GLU A 366 -4.20 7.06 15.93
CA GLU A 366 -4.10 7.02 17.38
C GLU A 366 -2.72 6.56 17.86
N ASN A 367 -2.32 7.07 19.02
CA ASN A 367 -1.20 6.52 19.80
C ASN A 367 0.11 6.47 19.02
N CYS A 368 0.38 7.50 18.23
CA CYS A 368 1.63 7.53 17.49
C CYS A 368 2.79 7.94 18.40
N LEU A 369 3.99 7.45 18.05
CA LEU A 369 5.13 7.56 18.96
C LEU A 369 5.67 8.97 19.04
N ASN A 370 5.84 9.64 17.90
CA ASN A 370 6.53 10.93 17.82
C ASN A 370 7.90 10.85 18.48
N PHE A 371 8.64 9.79 18.16
CA PHE A 371 9.93 9.52 18.78
C PHE A 371 11.04 10.23 18.01
N TYR A 372 11.05 11.57 18.15
CA TYR A 372 12.10 12.36 17.52
C TYR A 372 13.46 12.06 18.11
N ALA A 373 13.53 11.77 19.41
CA ALA A 373 14.82 11.46 20.04
C ALA A 373 15.41 10.19 19.44
N ARG A 374 14.58 9.14 19.28
CA ARG A 374 15.07 7.92 18.67
C ARG A 374 15.44 8.13 17.21
N PHE A 375 14.71 9.01 16.52
CA PHE A 375 14.99 9.25 15.10
C PHE A 375 16.41 9.77 14.91
N PHE A 376 16.83 10.74 15.73
CA PHE A 376 18.16 11.31 15.59
C PHE A 376 19.24 10.38 16.12
N GLN A 377 18.91 9.53 17.09
CA GLN A 377 19.85 8.49 17.48
C GLN A 377 20.08 7.50 16.34
N LEU A 378 19.01 7.04 15.71
CA LEU A 378 19.14 6.13 14.57
C LEU A 378 19.85 6.79 13.42
N MET A 379 19.60 8.09 13.21
CA MET A 379 20.27 8.84 12.15
C MET A 379 21.78 8.77 12.28
N GLN A 380 22.31 8.70 13.51
CA GLN A 380 23.74 8.70 13.76
C GLN A 380 24.33 7.30 13.86
N SER A 381 23.52 6.25 13.72
CA SER A 381 24.05 4.90 13.84
C SER A 381 24.96 4.58 12.67
N PRO A 382 26.17 4.06 12.92
CA PRO A 382 27.04 3.66 11.80
C PRO A 382 26.45 2.54 10.95
N SER A 383 25.48 1.78 11.47
CA SER A 383 24.84 0.74 10.69
C SER A 383 23.75 1.27 9.77
N LEU A 384 23.44 2.56 9.84
CA LEU A 384 22.45 3.14 8.94
C LEU A 384 23.04 3.25 7.54
N PRO A 385 22.43 2.63 6.52
CA PRO A 385 22.94 2.81 5.15
C PRO A 385 22.90 4.27 4.76
N LEU A 386 23.94 4.70 4.04
CA LEU A 386 24.10 6.12 3.76
C LEU A 386 22.97 6.63 2.86
N LEU A 387 22.68 5.90 1.78
CA LEU A 387 21.62 6.34 0.88
C LEU A 387 20.27 6.36 1.58
N MET A 388 20.04 5.41 2.48
CA MET A 388 18.82 5.42 3.29
C MET A 388 18.75 6.66 4.16
N GLY A 389 19.88 7.04 4.79
CA GLY A 389 19.91 8.27 5.56
C GLY A 389 19.65 9.50 4.71
N PHE A 390 20.13 9.49 3.47
CA PHE A 390 19.86 10.61 2.56
C PHE A 390 18.37 10.77 2.31
N PHE A 391 17.65 9.65 2.15
CA PHE A 391 16.21 9.71 1.99
C PHE A 391 15.53 10.32 3.21
N LEU A 392 15.95 9.89 4.40
CA LEU A 392 15.30 10.34 5.63
C LEU A 392 15.65 11.77 5.99
N GLN A 393 16.68 12.35 5.38
CA GLN A 393 16.98 13.76 5.61
C GLN A 393 15.88 14.69 5.06
N MET A 394 14.99 14.16 4.21
CA MET A 394 13.88 14.94 3.69
C MET A 394 12.92 15.39 4.79
N HIS A 395 12.87 14.68 5.92
CA HIS A 395 11.92 14.95 6.97
C HIS A 395 12.52 15.68 8.17
N LEU A 396 13.74 16.21 8.04
CA LEU A 396 14.41 16.81 9.18
C LEU A 396 13.61 17.97 9.76
N THR A 397 13.15 18.89 8.91
CA THR A 397 12.38 20.03 9.39
C THR A 397 11.05 19.59 10.01
N ASP A 398 10.36 18.65 9.36
CA ASP A 398 9.07 18.20 9.87
C ASP A 398 9.20 17.57 11.25
N ILE A 399 10.16 16.66 11.42
CA ILE A 399 10.37 16.02 12.70
C ILE A 399 10.76 17.05 13.75
N ARG A 400 11.63 18.00 13.37
CA ARG A 400 12.06 19.02 14.32
C ARG A 400 10.88 19.89 14.76
N PHE A 401 10.03 20.30 13.82
CA PHE A 401 8.90 21.16 14.18
C PHE A 401 8.00 20.50 15.19
N TYR A 402 7.57 19.26 14.91
CA TYR A 402 6.64 18.58 15.80
C TYR A 402 7.28 18.16 17.12
N ALA A 403 8.61 18.03 17.14
CA ALA A 403 9.29 17.85 18.42
C ALA A 403 9.16 19.09 19.29
N LEU A 404 9.41 20.27 18.71
CA LEU A 404 9.26 21.51 19.46
C LEU A 404 7.79 21.77 19.77
N ARG A 405 6.90 21.45 18.84
CA ARG A 405 5.46 21.64 19.08
C ARG A 405 4.99 20.76 20.25
N ALA A 406 5.44 19.51 20.30
CA ALA A 406 5.01 18.61 21.36
C ALA A 406 5.63 18.99 22.70
N LEU A 407 6.93 19.33 22.69
CA LEU A 407 7.59 19.70 23.94
C LEU A 407 6.98 20.96 24.55
N SER A 408 6.64 21.94 23.72
CA SER A 408 6.08 23.19 24.23
C SER A 408 4.76 22.96 24.94
N HIS A 409 3.98 21.97 24.52
CA HIS A 409 2.71 21.69 25.18
C HIS A 409 2.89 21.10 26.58
N THR A 410 4.06 20.56 26.88
CA THR A 410 4.35 20.02 28.20
C THR A 410 4.94 21.06 29.15
N LEU A 411 5.24 22.26 28.67
CA LEU A 411 5.79 23.32 29.50
C LEU A 411 4.66 24.16 30.07
N ASN A 412 4.74 24.46 31.36
CA ASN A 412 3.77 25.38 31.93
C ASN A 412 4.15 26.82 31.56
N LYS A 413 3.21 27.74 31.83
CA LYS A 413 3.33 29.09 31.30
C LYS A 413 4.53 29.84 31.86
N LYS A 414 4.90 29.60 33.11
CA LYS A 414 6.02 30.32 33.71
C LYS A 414 7.38 29.81 33.26
N HIS A 415 7.43 28.70 32.51
CA HIS A 415 8.71 28.10 32.17
C HIS A 415 9.59 29.05 31.38
N LYS A 416 10.88 29.07 31.70
CA LYS A 416 11.84 29.93 31.03
C LYS A 416 12.08 29.43 29.61
N PRO A 417 12.62 30.29 28.74
CA PRO A 417 12.97 29.83 27.39
C PRO A 417 13.98 28.69 27.43
N ILE A 418 13.84 27.78 26.46
CA ILE A 418 14.71 26.61 26.38
C ILE A 418 16.04 27.03 25.76
N PRO A 419 17.17 26.74 26.39
CA PRO A 419 18.46 27.06 25.79
C PRO A 419 18.65 26.35 24.46
N PHE A 420 19.31 27.04 23.52
CA PHE A 420 19.57 26.46 22.21
C PHE A 420 20.44 25.21 22.31
N ILE A 421 21.41 25.21 23.23
CA ILE A 421 22.30 24.07 23.37
C ILE A 421 21.51 22.80 23.65
N TYR A 422 20.46 22.90 24.45
CA TYR A 422 19.60 21.74 24.71
C TYR A 422 18.89 21.31 23.42
N LEU A 423 18.28 22.25 22.71
CA LEU A 423 17.53 21.92 21.50
C LEU A 423 18.47 21.47 20.37
N GLU A 424 19.66 22.06 20.29
CA GLU A 424 20.59 21.67 19.23
C GLU A 424 21.02 20.21 19.38
N ASN A 425 21.30 19.78 20.61
CA ASN A 425 21.67 18.39 20.82
C ASN A 425 20.47 17.45 20.68
N MET A 426 19.29 17.92 21.11
CA MET A 426 18.10 17.08 21.03
C MET A 426 17.61 16.91 19.60
N LEU A 427 17.76 17.94 18.77
CA LEU A 427 17.30 17.89 17.38
C LEU A 427 18.45 17.80 16.38
N LEU A 428 19.69 17.64 16.87
CA LEU A 428 20.86 17.40 16.01
C LEU A 428 21.04 18.49 14.95
N PHE A 429 20.81 19.74 15.35
CA PHE A 429 21.04 20.87 14.45
C PHE A 429 22.52 20.98 14.12
N ASN A 430 22.81 21.40 12.89
CA ASN A 430 24.21 21.47 12.44
C ASN A 430 25.00 22.54 13.20
N ASN A 431 24.43 23.74 13.34
CA ASN A 431 25.13 24.83 13.98
C ASN A 431 24.10 25.80 14.56
N ARG A 432 24.61 26.82 15.26
CA ARG A 432 23.74 27.80 15.90
C ARG A 432 22.94 28.59 14.88
N GLN A 433 23.53 28.85 13.71
CA GLN A 433 22.80 29.58 12.68
C GLN A 433 21.59 28.81 12.17
N GLU A 434 21.66 27.48 12.15
CA GLU A 434 20.52 26.70 11.67
C GLU A 434 19.33 26.78 12.63
N ILE A 435 19.58 26.68 13.94
CA ILE A 435 18.47 26.75 14.89
C ILE A 435 17.91 28.16 14.97
N ILE A 436 18.77 29.19 14.79
CA ILE A 436 18.28 30.56 14.72
C ILE A 436 17.35 30.74 13.53
N GLU A 437 17.77 30.24 12.37
CA GLU A 437 16.94 30.36 11.17
C GLU A 437 15.66 29.54 11.31
N PHE A 438 15.74 28.39 11.99
CA PHE A 438 14.55 27.58 12.21
C PHE A 438 13.52 28.33 13.05
N CYS A 439 13.96 28.95 14.15
CA CYS A 439 13.02 29.66 15.01
C CYS A 439 12.44 30.88 14.30
N ASN A 440 13.25 31.55 13.49
CA ASN A 440 12.75 32.69 12.72
C ASN A 440 11.66 32.25 11.75
N TYR A 441 11.85 31.10 11.09
CA TYR A 441 10.87 30.65 10.11
C TYR A 441 9.52 30.39 10.75
N TYR A 442 9.51 29.79 11.94
CA TYR A 442 8.29 29.43 12.64
C TYR A 442 7.87 30.46 13.68
N SER A 443 8.46 31.66 13.63
CA SER A 443 8.08 32.76 14.52
C SER A 443 8.20 32.37 15.99
N ILE A 444 9.23 31.61 16.32
CA ILE A 444 9.52 31.25 17.70
C ILE A 444 10.47 32.31 18.25
N GLU A 445 10.03 33.01 19.30
CA GLU A 445 10.81 34.10 19.85
C GLU A 445 12.15 33.59 20.40
N ILE A 446 13.21 34.31 20.07
CA ILE A 446 14.56 34.01 20.54
C ILE A 446 14.92 35.03 21.61
N ILE A 447 15.38 34.55 22.76
CA ILE A 447 15.72 35.40 23.88
C ILE A 447 17.23 35.39 24.06
N ASN A 448 17.83 36.58 24.09
CA ASN A 448 19.26 36.78 24.27
C ASN A 448 20.09 36.05 23.23
N GLY A 449 19.51 35.76 22.07
CA GLY A 449 20.23 35.12 20.99
C GLY A 449 20.68 33.70 21.25
N ASP A 450 20.28 33.09 22.37
CA ASP A 450 20.72 31.74 22.69
C ASP A 450 19.64 30.84 23.28
N ALA A 451 18.39 31.31 23.40
CA ALA A 451 17.32 30.50 23.94
C ALA A 451 16.05 30.73 23.14
N ALA A 452 15.19 29.72 23.11
CA ALA A 452 13.93 29.76 22.38
C ALA A 452 12.77 29.73 23.36
N ASP A 453 11.84 30.67 23.21
CA ASP A 453 10.65 30.73 24.06
C ASP A 453 9.57 29.90 23.38
N LEU A 454 9.48 28.62 23.76
CA LEU A 454 8.65 27.67 23.03
C LEU A 454 7.16 28.00 23.12
N LYS A 455 6.72 28.74 24.13
CA LYS A 455 5.31 29.09 24.23
C LYS A 455 4.88 30.07 23.14
N THR A 456 5.83 30.71 22.45
CA THR A 456 5.49 31.61 21.36
C THR A 456 5.23 30.89 20.05
N LEU A 457 5.43 29.58 20.00
CA LEU A 457 5.13 28.81 18.79
C LEU A 457 3.62 28.71 18.62
N GLN A 458 3.08 29.40 17.62
CA GLN A 458 1.65 29.45 17.40
C GLN A 458 1.17 28.52 16.30
N HIS A 459 2.06 28.07 15.42
CA HIS A 459 1.67 27.18 14.33
C HIS A 459 1.40 25.77 14.86
N TYR A 460 0.34 25.15 14.33
CA TYR A 460 0.04 23.76 14.64
C TYR A 460 0.41 22.82 13.50
N SER A 461 0.90 23.34 12.39
CA SER A 461 1.32 22.53 11.26
C SER A 461 2.69 22.97 10.79
N HIS A 462 3.48 22.00 10.33
CA HIS A 462 4.80 22.29 9.78
C HIS A 462 4.72 23.09 8.49
N LYS A 463 3.58 23.07 7.80
CA LYS A 463 3.41 23.76 6.53
C LYS A 463 2.69 25.09 6.76
N LEU A 464 3.35 26.18 6.42
CA LEU A 464 2.78 27.51 6.53
C LEU A 464 2.02 27.86 5.25
N SER A 465 0.97 28.69 5.41
CA SER A 465 0.01 28.86 4.33
C SER A 465 0.59 29.67 3.17
N GLU A 466 0.95 30.94 3.42
CA GLU A 466 1.39 31.84 2.37
C GLU A 466 2.89 31.98 2.32
N THR A 467 3.64 30.92 2.61
CA THR A 467 5.09 30.97 2.62
C THR A 467 5.64 29.77 1.87
N GLN A 468 6.79 29.97 1.23
CA GLN A 468 7.52 28.86 0.66
C GLN A 468 8.07 27.98 1.79
N PRO A 469 8.24 26.68 1.54
CA PRO A 469 8.74 25.80 2.60
C PRO A 469 10.15 26.18 3.03
N LEU A 470 10.51 25.78 4.24
CA LEU A 470 11.83 26.06 4.76
C LEU A 470 12.89 25.40 3.89
N LYS A 471 14.01 26.10 3.72
CA LYS A 471 15.13 25.57 2.94
C LYS A 471 15.57 24.21 3.49
N LYS A 472 15.64 23.22 2.60
CA LYS A 472 15.96 21.87 3.02
C LYS A 472 17.36 21.81 3.60
N THR A 473 17.57 20.86 4.50
CA THR A 473 18.83 20.76 5.24
C THR A 473 19.30 19.32 5.26
N TYR A 474 20.44 19.10 5.92
CA TYR A 474 21.11 17.81 5.96
C TYR A 474 21.72 17.63 7.34
N LEU A 475 22.28 16.45 7.58
CA LEU A 475 22.98 16.13 8.82
C LEU A 475 24.47 16.09 8.57
N THR A 476 25.23 16.73 9.48
CA THR A 476 26.68 16.79 9.32
C THR A 476 27.32 15.40 9.29
N CYS A 477 26.84 14.49 10.16
CA CYS A 477 27.44 13.16 10.22
C CYS A 477 27.27 12.41 8.92
N LEU A 478 26.11 12.56 8.26
CA LEU A 478 25.91 11.89 6.98
C LEU A 478 26.80 12.48 5.90
N GLU A 479 27.01 13.79 5.93
CA GLU A 479 27.93 14.41 4.98
C GLU A 479 29.36 13.92 5.20
N ARG A 480 29.78 13.78 6.45
CA ARG A 480 31.11 13.25 6.73
C ARG A 480 31.25 11.82 6.24
N ARG A 481 30.20 11.01 6.40
CA ARG A 481 30.25 9.64 5.89
C ARG A 481 30.38 9.62 4.37
N LEU A 482 29.73 10.57 3.69
CA LEU A 482 29.86 10.65 2.24
C LEU A 482 31.29 10.94 1.83
N GLN A 483 31.99 11.79 2.57
CA GLN A 483 33.35 12.14 2.21
C GLN A 483 34.35 11.02 2.45
N LYS A 484 33.97 9.98 3.18
CA LYS A 484 34.85 8.84 3.41
C LYS A 484 34.64 7.71 2.41
N THR A 485 33.71 7.85 1.47
CA THR A 485 33.45 6.87 0.42
C THR A 485 33.42 7.59 -0.93
N THR A 486 33.12 6.84 -1.97
CA THR A 486 33.03 7.38 -3.33
C THR A 486 31.59 7.32 -3.83
N TYR A 487 31.26 8.25 -4.73
CA TYR A 487 29.95 8.22 -5.36
C TYR A 487 29.71 6.90 -6.09
N LYS A 488 30.72 6.45 -6.85
CA LYS A 488 30.58 5.24 -7.64
C LYS A 488 30.36 4.02 -6.76
N GLY A 489 31.06 3.93 -5.63
CA GLY A 489 30.86 2.82 -4.72
C GLY A 489 29.47 2.79 -4.14
N LEU A 490 28.92 3.97 -3.81
CA LEU A 490 27.56 4.03 -3.26
C LEU A 490 26.54 3.56 -4.30
N ILE A 491 26.66 4.04 -5.54
CA ILE A 491 25.67 3.71 -6.56
C ILE A 491 25.76 2.24 -6.93
N ASN A 492 26.97 1.70 -7.04
CA ASN A 492 27.14 0.29 -7.37
C ASN A 492 26.87 -0.64 -6.21
N GLY A 493 26.75 -0.11 -4.99
CA GLY A 493 26.44 -0.94 -3.84
C GLY A 493 27.53 -1.93 -3.48
N ASP B 2 -37.19 -31.57 -29.06
CA ASP B 2 -36.32 -30.43 -29.36
C ASP B 2 -36.08 -29.60 -28.11
N MET B 3 -35.01 -29.94 -27.39
CA MET B 3 -34.74 -29.28 -26.11
C MET B 3 -34.33 -27.83 -26.30
N ALA B 4 -33.60 -27.51 -27.38
CA ALA B 4 -33.17 -26.14 -27.60
C ALA B 4 -34.36 -25.21 -27.79
N ASN B 5 -35.36 -25.64 -28.57
CA ASN B 5 -36.56 -24.84 -28.69
C ASN B 5 -37.30 -24.75 -27.36
N GLN B 6 -37.30 -25.83 -26.59
CA GLN B 6 -37.98 -25.82 -25.29
C GLN B 6 -37.28 -24.88 -24.31
N LEU B 7 -35.94 -24.89 -24.30
CA LEU B 7 -35.21 -23.98 -23.43
C LEU B 7 -35.49 -22.53 -23.79
N LEU B 8 -35.46 -22.21 -25.09
CA LEU B 8 -35.69 -20.83 -25.52
C LEU B 8 -37.09 -20.36 -25.15
N ASP B 9 -38.07 -21.26 -25.16
CA ASP B 9 -39.42 -20.91 -24.75
C ASP B 9 -39.46 -20.50 -23.28
N GLU B 10 -38.73 -21.21 -22.42
CA GLU B 10 -38.68 -20.83 -21.01
C GLU B 10 -38.02 -19.48 -20.82
N LEU B 11 -36.86 -19.28 -21.46
CA LEU B 11 -36.11 -18.03 -21.27
C LEU B 11 -36.89 -16.83 -21.81
N ALA B 12 -37.60 -17.01 -22.92
CA ALA B 12 -38.39 -15.91 -23.47
C ALA B 12 -39.53 -15.50 -22.56
N HIS B 13 -39.97 -16.38 -21.65
CA HIS B 13 -41.09 -16.12 -20.76
C HIS B 13 -40.66 -15.93 -19.31
N GLY B 14 -39.38 -15.65 -19.07
CA GLY B 14 -38.90 -15.39 -17.72
C GLY B 14 -38.70 -16.61 -16.86
N ASN B 15 -38.74 -17.82 -17.44
CA ASN B 15 -38.49 -19.05 -16.70
C ASN B 15 -37.02 -19.42 -16.86
N PHE B 16 -36.25 -19.31 -15.78
CA PHE B 16 -34.81 -19.54 -15.79
C PHE B 16 -34.43 -20.74 -14.93
N SER B 17 -35.29 -21.75 -14.88
CA SER B 17 -35.02 -22.92 -14.03
C SER B 17 -33.74 -23.63 -14.47
N HIS B 18 -33.53 -23.77 -15.78
CA HIS B 18 -32.37 -24.46 -16.32
C HIS B 18 -31.27 -23.50 -16.76
N LEU B 19 -31.39 -22.21 -16.44
CA LEU B 19 -30.38 -21.22 -16.80
C LEU B 19 -29.37 -21.11 -15.65
N THR B 20 -28.39 -22.00 -15.68
CA THR B 20 -27.33 -21.98 -14.68
C THR B 20 -26.08 -22.62 -15.26
N LEU B 21 -24.94 -22.27 -14.67
CA LEU B 21 -23.66 -22.86 -15.05
C LEU B 21 -23.26 -24.04 -14.18
N ASN B 22 -24.01 -24.31 -13.11
CA ASN B 22 -23.68 -25.41 -12.22
C ASN B 22 -24.23 -26.70 -12.81
N LEU B 23 -23.35 -27.53 -13.36
CA LEU B 23 -23.80 -28.78 -13.98
C LEU B 23 -24.36 -29.76 -12.95
N SER B 24 -24.08 -29.57 -11.67
CA SER B 24 -24.71 -30.40 -10.65
C SER B 24 -26.21 -30.17 -10.58
N GLN B 25 -26.69 -29.05 -11.09
CA GLN B 25 -28.12 -28.72 -11.08
C GLN B 25 -28.81 -29.08 -12.39
N ASN B 26 -28.14 -28.94 -13.53
CA ASN B 26 -28.80 -29.08 -14.81
C ASN B 26 -27.96 -29.87 -15.81
N GLY B 27 -27.06 -30.72 -15.30
CA GLY B 27 -26.16 -31.45 -16.19
C GLY B 27 -26.89 -32.36 -17.16
N ARG B 28 -27.97 -33.00 -16.71
CA ARG B 28 -28.72 -33.89 -17.59
C ARG B 28 -29.35 -33.12 -18.75
N GLU B 29 -29.93 -31.95 -18.47
CA GLU B 29 -30.52 -31.15 -19.54
C GLU B 29 -29.43 -30.59 -20.47
N ILE B 30 -28.28 -30.20 -19.90
CA ILE B 30 -27.19 -29.70 -20.73
C ILE B 30 -26.63 -30.81 -21.60
N ALA B 31 -26.53 -32.03 -21.05
CA ALA B 31 -26.06 -33.16 -21.86
C ALA B 31 -26.99 -33.42 -23.03
N ILE B 32 -28.30 -33.40 -22.79
CA ILE B 32 -29.26 -33.54 -23.89
C ILE B 32 -29.14 -32.36 -24.84
N LEU B 33 -29.02 -31.15 -24.28
CA LEU B 33 -28.87 -29.96 -25.12
C LEU B 33 -27.62 -30.03 -25.98
N GLN B 34 -26.51 -30.49 -25.40
CA GLN B 34 -25.26 -30.56 -26.15
C GLN B 34 -25.39 -31.52 -27.33
N LYS B 35 -26.00 -32.69 -27.11
CA LYS B 35 -26.17 -33.67 -28.18
C LYS B 35 -27.05 -33.11 -29.29
N GLN B 36 -28.14 -32.45 -28.94
CA GLN B 36 -29.05 -31.92 -29.96
C GLN B 36 -28.47 -30.72 -30.68
N LEU B 37 -27.68 -29.88 -29.99
CA LEU B 37 -27.11 -28.69 -30.59
C LEU B 37 -25.86 -28.98 -31.42
N THR B 38 -25.25 -30.16 -31.27
CA THR B 38 -24.07 -30.50 -32.03
C THR B 38 -24.39 -30.46 -33.52
N GLY B 39 -23.50 -29.83 -34.29
CA GLY B 39 -23.67 -29.69 -35.71
C GLY B 39 -24.12 -28.32 -36.17
N PHE B 40 -24.76 -27.54 -35.30
CA PHE B 40 -25.18 -26.19 -35.63
C PHE B 40 -24.05 -25.23 -35.33
N ASP B 41 -23.68 -24.42 -36.33
CA ASP B 41 -22.60 -23.46 -36.16
C ASP B 41 -23.09 -22.26 -35.35
N ASP B 42 -22.17 -21.31 -35.11
CA ASP B 42 -22.48 -20.17 -34.25
C ASP B 42 -23.58 -19.30 -34.83
N LYS B 43 -23.58 -19.14 -36.15
CA LYS B 43 -24.61 -18.34 -36.81
C LYS B 43 -26.00 -18.94 -36.58
N GLN B 44 -26.11 -20.27 -36.70
CA GLN B 44 -27.41 -20.91 -36.53
C GLN B 44 -27.93 -20.79 -35.11
N LEU B 45 -27.03 -20.90 -34.11
CA LEU B 45 -27.45 -20.71 -32.73
C LEU B 45 -28.00 -19.31 -32.50
N GLU B 46 -27.34 -18.29 -33.07
CA GLU B 46 -27.86 -16.93 -32.98
C GLU B 46 -29.21 -16.81 -33.66
N THR B 47 -29.38 -17.47 -34.81
CA THR B 47 -30.66 -17.45 -35.51
C THR B 47 -31.76 -18.09 -34.67
N PHE B 48 -31.44 -19.19 -33.97
CA PHE B 48 -32.43 -19.83 -33.12
C PHE B 48 -32.99 -18.84 -32.10
N VAL B 49 -32.12 -18.04 -31.49
CA VAL B 49 -32.56 -17.06 -30.50
C VAL B 49 -33.29 -15.91 -31.18
N GLU B 50 -32.71 -15.38 -32.27
CA GLU B 50 -33.27 -14.19 -32.90
C GLU B 50 -34.65 -14.46 -33.48
N GLN B 51 -34.84 -15.63 -34.09
CA GLN B 51 -36.11 -15.96 -34.76
C GLN B 51 -37.13 -16.58 -33.81
N HIS B 52 -36.78 -16.85 -32.56
CA HIS B 52 -37.69 -17.54 -31.67
C HIS B 52 -38.88 -16.66 -31.33
N PRO B 53 -40.10 -17.21 -31.34
CA PRO B 53 -41.27 -16.41 -30.97
C PRO B 53 -41.25 -16.04 -29.50
N ALA B 54 -41.88 -14.91 -29.19
CA ALA B 54 -41.98 -14.34 -27.85
C ALA B 54 -40.63 -13.97 -27.25
N MET B 55 -39.56 -14.06 -28.03
CA MET B 55 -38.25 -13.65 -27.56
C MET B 55 -38.24 -12.13 -27.39
N PRO B 56 -37.86 -11.61 -26.21
CA PRO B 56 -37.86 -10.16 -26.03
C PRO B 56 -36.96 -9.48 -27.07
N ASN B 57 -37.43 -8.32 -27.55
CA ASN B 57 -36.66 -7.55 -28.53
C ASN B 57 -35.59 -6.72 -27.82
N ASP B 58 -34.66 -7.44 -27.18
CA ASP B 58 -33.56 -6.83 -26.45
C ASP B 58 -32.26 -7.46 -26.91
N THR B 59 -31.31 -6.61 -27.32
CA THR B 59 -30.04 -7.10 -27.83
C THR B 59 -29.29 -7.89 -26.77
N ARG B 60 -29.23 -7.35 -25.54
CA ARG B 60 -28.44 -8.00 -24.50
C ARG B 60 -29.08 -9.31 -24.04
N PHE B 61 -30.41 -9.35 -23.98
CA PHE B 61 -31.09 -10.60 -23.62
C PHE B 61 -30.85 -11.68 -24.66
N LYS B 62 -30.91 -11.31 -25.95
CA LYS B 62 -30.67 -12.29 -27.01
C LYS B 62 -29.21 -12.72 -27.03
N ILE B 63 -28.29 -11.81 -26.75
CA ILE B 63 -26.89 -12.17 -26.62
C ILE B 63 -26.70 -13.17 -25.48
N MET B 64 -27.40 -12.95 -24.37
CA MET B 64 -27.28 -13.85 -23.22
C MET B 64 -27.77 -15.26 -23.57
N CYS B 65 -28.92 -15.36 -24.23
CA CYS B 65 -29.45 -16.67 -24.59
C CYS B 65 -28.52 -17.40 -25.55
N THR B 66 -27.98 -16.69 -26.54
CA THR B 66 -27.09 -17.32 -27.51
C THR B 66 -25.82 -17.83 -26.83
N SER B 67 -25.25 -17.04 -25.91
CA SER B 67 -24.04 -17.49 -25.23
C SER B 67 -24.30 -18.73 -24.39
N PHE B 68 -25.51 -18.87 -23.84
CA PHE B 68 -25.84 -20.11 -23.14
C PHE B 68 -25.93 -21.28 -24.11
N LEU B 69 -26.53 -21.07 -25.28
CA LEU B 69 -26.57 -22.12 -26.29
C LEU B 69 -25.16 -22.49 -26.74
N ASN B 70 -24.29 -21.49 -26.92
CA ASN B 70 -22.89 -21.77 -27.23
C ASN B 70 -22.22 -22.52 -26.10
N TYR B 71 -22.55 -22.15 -24.86
CA TYR B 71 -22.03 -22.88 -23.70
C TYR B 71 -22.49 -24.33 -23.72
N ALA B 72 -23.78 -24.55 -23.93
CA ALA B 72 -24.32 -25.91 -23.92
C ALA B 72 -23.71 -26.75 -25.03
N ARG B 73 -23.53 -26.18 -26.22
CA ARG B 73 -23.02 -26.94 -27.35
C ARG B 73 -21.59 -27.42 -27.11
N ASP B 74 -20.74 -26.55 -26.59
CA ASP B 74 -19.30 -26.79 -26.59
C ASP B 74 -18.71 -27.09 -25.22
N VAL B 75 -19.53 -27.17 -24.16
CA VAL B 75 -18.98 -27.35 -22.82
C VAL B 75 -18.29 -28.70 -22.72
N ASP B 76 -17.11 -28.70 -22.09
CA ASP B 76 -16.38 -29.93 -21.80
C ASP B 76 -16.38 -30.15 -20.29
N PRO B 77 -17.28 -31.00 -19.77
CA PRO B 77 -17.33 -31.19 -18.31
C PRO B 77 -16.09 -31.84 -17.73
N TRP B 78 -15.25 -32.47 -18.55
CA TRP B 78 -14.02 -33.06 -18.06
C TRP B 78 -12.89 -32.05 -17.90
N SER B 79 -13.10 -30.80 -18.32
CA SER B 79 -12.06 -29.78 -18.23
C SER B 79 -12.71 -28.45 -17.87
N ALA B 80 -12.49 -28.00 -16.63
CA ALA B 80 -12.95 -26.68 -16.24
C ALA B 80 -12.23 -25.59 -17.02
N TRP B 81 -10.93 -25.77 -17.26
CA TRP B 81 -10.16 -24.76 -17.97
C TRP B 81 -10.61 -24.62 -19.42
N SER B 82 -10.86 -25.73 -20.11
CA SER B 82 -11.27 -25.65 -21.51
C SER B 82 -12.64 -25.02 -21.67
N SER B 83 -13.54 -25.23 -20.71
CA SER B 83 -14.87 -24.66 -20.77
C SER B 83 -14.95 -23.26 -20.18
N SER B 84 -13.86 -22.77 -19.59
CA SER B 84 -13.93 -21.51 -18.83
C SER B 84 -14.31 -20.34 -19.72
N ASP B 85 -13.82 -20.31 -20.96
CA ASP B 85 -14.15 -19.17 -21.83
C ASP B 85 -15.65 -19.11 -22.11
N LEU B 86 -16.28 -20.26 -22.34
CA LEU B 86 -17.74 -20.28 -22.50
C LEU B 86 -18.44 -19.83 -21.21
N ILE B 87 -17.96 -20.32 -20.06
CA ILE B 87 -18.59 -20.01 -18.78
C ILE B 87 -18.46 -18.52 -18.47
N PHE B 88 -17.26 -17.97 -18.64
CA PHE B 88 -17.04 -16.56 -18.31
C PHE B 88 -17.74 -15.64 -19.30
N GLU B 89 -17.80 -16.04 -20.58
CA GLU B 89 -18.51 -15.23 -21.56
C GLU B 89 -19.99 -15.15 -21.26
N PHE B 90 -20.61 -16.29 -20.91
CA PHE B 90 -22.04 -16.26 -20.58
C PHE B 90 -22.29 -15.43 -19.33
N TYR B 91 -21.42 -15.55 -18.32
CA TYR B 91 -21.63 -14.81 -17.08
C TYR B 91 -21.63 -13.29 -17.33
N GLN B 92 -20.70 -12.82 -18.17
CA GLN B 92 -20.70 -11.40 -18.51
C GLN B 92 -21.97 -11.01 -19.25
N CYS B 93 -22.43 -11.86 -20.16
CA CYS B 93 -23.67 -11.58 -20.89
C CYS B 93 -24.87 -11.55 -19.94
N LEU B 94 -24.88 -12.46 -18.96
CA LEU B 94 -25.97 -12.50 -17.99
C LEU B 94 -26.02 -11.22 -17.17
N ILE B 95 -24.86 -10.76 -16.68
CA ILE B 95 -24.82 -9.56 -15.85
C ILE B 95 -25.20 -8.34 -16.67
N ASN B 96 -24.82 -8.30 -17.95
CA ASN B 96 -25.20 -7.19 -18.81
C ASN B 96 -26.71 -7.08 -18.99
N CYS B 97 -27.45 -8.15 -18.71
CA CYS B 97 -28.90 -8.11 -18.78
C CYS B 97 -29.54 -7.42 -17.59
N LEU B 98 -28.75 -7.02 -16.59
CA LEU B 98 -29.28 -6.26 -15.46
C LEU B 98 -28.88 -4.80 -15.47
N ILE B 99 -28.02 -4.38 -16.41
CA ILE B 99 -27.52 -3.01 -16.42
C ILE B 99 -28.66 -2.02 -16.63
N ASN B 100 -29.55 -2.33 -17.57
CA ASN B 100 -30.72 -1.50 -17.79
C ASN B 100 -31.78 -1.80 -16.74
N ASP B 101 -32.23 -0.77 -16.03
CA ASP B 101 -33.18 -0.96 -14.94
C ASP B 101 -34.53 -1.47 -15.41
N ASN B 102 -34.84 -1.33 -16.70
CA ASN B 102 -36.10 -1.81 -17.27
C ASN B 102 -35.88 -2.97 -18.26
N ALA B 103 -34.80 -3.72 -18.07
CA ALA B 103 -34.50 -4.83 -18.96
C ALA B 103 -35.58 -5.92 -18.82
N PRO B 104 -35.83 -6.67 -19.90
CA PRO B 104 -36.85 -7.73 -19.81
C PRO B 104 -36.49 -8.78 -18.78
N HIS B 105 -37.48 -9.18 -17.99
CA HIS B 105 -37.36 -10.25 -16.99
C HIS B 105 -36.26 -9.94 -15.97
N ILE B 106 -35.99 -8.67 -15.71
CA ILE B 106 -34.87 -8.32 -14.83
C ILE B 106 -35.13 -8.85 -13.42
N GLU B 107 -36.36 -8.70 -12.92
CA GLU B 107 -36.67 -9.19 -11.58
C GLU B 107 -36.48 -10.70 -11.48
N MET B 108 -36.83 -11.43 -12.53
CA MET B 108 -36.60 -12.86 -12.53
C MET B 108 -35.11 -13.20 -12.71
N LEU B 109 -34.36 -12.31 -13.35
CA LEU B 109 -32.94 -12.54 -13.56
C LEU B 109 -32.11 -12.31 -12.30
N ILE B 110 -32.63 -11.50 -11.36
CA ILE B 110 -31.86 -11.18 -10.16
C ILE B 110 -31.46 -12.42 -9.37
N PRO B 111 -32.35 -13.35 -9.05
CA PRO B 111 -31.90 -14.59 -8.38
C PRO B 111 -30.89 -15.38 -9.18
N VAL B 112 -30.99 -15.37 -10.51
CA VAL B 112 -30.04 -16.10 -11.33
C VAL B 112 -28.66 -15.46 -11.25
N ALA B 113 -28.60 -14.13 -11.27
CA ALA B 113 -27.32 -13.44 -11.25
C ALA B 113 -26.56 -13.68 -9.95
N THR B 114 -27.25 -13.63 -8.81
CA THR B 114 -26.59 -13.92 -7.55
C THR B 114 -26.10 -15.37 -7.51
N ARG B 115 -26.94 -16.30 -7.98
CA ARG B 115 -26.57 -17.71 -7.97
C ARG B 115 -25.37 -17.96 -8.88
N GLU B 116 -25.36 -17.37 -10.07
CA GLU B 116 -24.24 -17.56 -10.98
C GLU B 116 -23.00 -16.81 -10.51
N THR B 117 -23.17 -15.69 -9.82
CA THR B 117 -22.02 -14.96 -9.28
C THR B 117 -21.25 -15.81 -8.28
N GLU B 118 -21.98 -16.52 -7.41
CA GLU B 118 -21.32 -17.40 -6.44
C GLU B 118 -20.58 -18.52 -7.15
N PHE B 119 -21.16 -19.05 -8.22
CA PHE B 119 -20.49 -20.10 -8.98
C PHE B 119 -19.21 -19.58 -9.62
N ILE B 120 -19.29 -18.42 -10.29
CA ILE B 120 -18.15 -17.92 -11.05
C ILE B 120 -17.04 -17.44 -10.12
N ILE B 121 -17.40 -16.92 -8.94
CA ILE B 121 -16.37 -16.48 -7.98
C ILE B 121 -15.54 -17.66 -7.51
N ASN B 122 -16.21 -18.77 -7.19
CA ASN B 122 -15.49 -19.97 -6.77
C ASN B 122 -14.60 -20.50 -7.89
N LEU B 123 -15.12 -20.53 -9.12
CA LEU B 123 -14.35 -21.04 -10.24
C LEU B 123 -13.18 -20.13 -10.58
N ALA B 124 -13.40 -18.81 -10.56
CA ALA B 124 -12.32 -17.87 -10.83
C ALA B 124 -11.20 -17.98 -9.79
N GLY B 125 -11.56 -18.27 -8.53
CA GLY B 125 -10.53 -18.46 -7.52
C GLY B 125 -9.67 -19.68 -7.80
N LYS B 126 -10.29 -20.79 -8.20
CA LYS B 126 -9.52 -22.00 -8.51
C LYS B 126 -8.63 -21.79 -9.73
N LEU B 127 -9.14 -21.12 -10.76
CA LEU B 127 -8.34 -20.86 -11.95
C LEU B 127 -7.16 -19.94 -11.63
N ASP B 128 -7.37 -18.96 -10.76
CA ASP B 128 -6.29 -18.05 -10.40
C ASP B 128 -5.15 -18.78 -9.72
N SER B 129 -5.46 -19.81 -8.92
CA SER B 129 -4.43 -20.56 -8.23
C SER B 129 -3.50 -21.28 -9.21
N PHE B 130 -3.92 -21.47 -10.46
CA PHE B 130 -3.08 -22.03 -11.51
C PHE B 130 -2.56 -20.97 -12.47
N HIS B 131 -2.33 -19.75 -11.96
CA HIS B 131 -1.95 -18.64 -12.83
C HIS B 131 -0.65 -18.93 -13.57
N LEU B 132 0.30 -19.57 -12.88
CA LEU B 132 1.57 -19.92 -13.52
C LEU B 132 1.36 -20.86 -14.70
N GLN B 133 0.50 -21.86 -14.53
CA GLN B 133 0.30 -22.87 -15.57
C GLN B 133 -0.55 -22.32 -16.71
N LEU B 134 -1.53 -21.48 -16.40
CA LEU B 134 -2.39 -20.90 -17.44
C LEU B 134 -1.78 -19.66 -18.08
N HIS B 135 -0.58 -19.25 -17.64
CA HIS B 135 0.10 -18.07 -18.17
C HIS B 135 -0.78 -16.83 -18.04
N THR B 136 -1.36 -16.66 -16.85
CA THR B 136 -2.18 -15.51 -16.53
C THR B 136 -1.57 -14.79 -15.32
N ARG B 137 -1.76 -13.48 -15.28
CA ARG B 137 -1.26 -12.73 -14.13
C ARG B 137 -2.05 -13.10 -12.88
N SER B 138 -1.46 -12.83 -11.73
CA SER B 138 -2.10 -13.16 -10.47
C SER B 138 -3.44 -12.46 -10.33
N HIS B 139 -4.44 -13.21 -9.87
CA HIS B 139 -5.79 -12.72 -9.62
C HIS B 139 -6.49 -12.25 -10.90
N GLN B 140 -6.04 -12.70 -12.07
CA GLN B 140 -6.63 -12.22 -13.32
C GLN B 140 -8.10 -12.61 -13.44
N PHE B 141 -8.43 -13.85 -13.04
CA PHE B 141 -9.81 -14.30 -13.16
C PHE B 141 -10.73 -13.58 -12.18
N LEU B 142 -10.33 -13.51 -10.91
CA LEU B 142 -11.18 -12.84 -9.92
C LEU B 142 -11.25 -11.34 -10.16
N SER B 143 -10.16 -10.73 -10.64
CA SER B 143 -10.21 -9.31 -10.96
C SER B 143 -11.15 -9.03 -12.12
N HIS B 144 -11.27 -9.96 -13.07
CA HIS B 144 -12.24 -9.80 -14.15
C HIS B 144 -13.66 -9.85 -13.62
N ILE B 145 -13.93 -10.74 -12.66
CA ILE B 145 -15.26 -10.82 -12.06
C ILE B 145 -15.57 -9.53 -11.31
N SER B 146 -14.60 -9.03 -10.54
CA SER B 146 -14.79 -7.75 -9.84
C SER B 146 -15.07 -6.62 -10.81
N SER B 147 -14.45 -6.66 -11.99
CA SER B 147 -14.73 -5.66 -13.02
C SER B 147 -16.19 -5.73 -13.47
N ILE B 148 -16.70 -6.95 -13.68
CA ILE B 148 -18.09 -7.12 -14.09
C ILE B 148 -19.03 -6.70 -12.98
N LEU B 149 -18.76 -7.13 -11.75
CA LEU B 149 -19.62 -6.77 -10.62
C LEU B 149 -19.56 -5.28 -10.31
N SER B 150 -18.41 -4.64 -10.57
CA SER B 150 -18.31 -3.20 -10.36
C SER B 150 -19.20 -2.43 -11.33
N ARG B 151 -19.27 -2.87 -12.60
CA ARG B 151 -20.13 -2.21 -13.56
C ARG B 151 -21.60 -2.37 -13.20
N LEU B 152 -21.98 -3.55 -12.70
CA LEU B 152 -23.34 -3.73 -12.21
C LEU B 152 -23.63 -2.82 -11.03
N PHE B 153 -22.64 -2.68 -10.13
CA PHE B 153 -22.79 -1.78 -8.99
C PHE B 153 -23.00 -0.35 -9.44
N ASN B 154 -22.25 0.09 -10.47
CA ASN B 154 -22.39 1.47 -10.94
C ASN B 154 -23.77 1.73 -11.53
N SER B 155 -24.41 0.70 -12.08
CA SER B 155 -25.72 0.85 -12.71
C SER B 155 -26.87 0.91 -11.71
N ILE B 156 -26.62 0.67 -10.42
CA ILE B 156 -27.68 0.68 -9.43
C ILE B 156 -27.91 2.11 -8.96
N LYS B 157 -29.15 2.58 -9.08
CA LYS B 157 -29.53 3.91 -8.67
C LYS B 157 -30.77 3.83 -7.81
N PRO B 158 -30.96 4.78 -6.88
CA PRO B 158 -32.18 4.80 -6.09
C PRO B 158 -33.33 5.41 -6.87
N PRO B 159 -34.56 4.96 -6.64
CA PRO B 159 -35.71 5.62 -7.26
C PRO B 159 -35.82 7.07 -6.81
N ARG B 160 -36.76 7.79 -7.43
CA ARG B 160 -36.91 9.21 -7.17
C ARG B 160 -37.30 9.46 -5.71
N GLY B 161 -37.04 10.68 -5.25
CA GLY B 161 -37.43 11.09 -3.91
C GLY B 161 -38.92 11.21 -3.70
N ASN B 162 -39.70 11.17 -4.77
CA ASN B 162 -41.17 11.16 -4.73
C ASN B 162 -41.71 9.96 -5.50
N ALA B 163 -41.15 8.78 -5.21
CA ALA B 163 -41.56 7.58 -5.90
C ALA B 163 -43.03 7.26 -5.62
N SER B 164 -43.71 6.76 -6.64
CA SER B 164 -45.15 6.51 -6.53
C SER B 164 -45.48 5.30 -5.67
N SER B 165 -44.53 4.39 -5.46
CA SER B 165 -44.79 3.18 -4.70
C SER B 165 -43.59 2.87 -3.82
N THR B 166 -43.79 1.97 -2.88
CA THR B 166 -42.74 1.54 -1.96
C THR B 166 -41.90 0.40 -2.51
N ASN B 167 -42.15 -0.01 -3.76
CA ASN B 167 -41.52 -1.21 -4.30
C ASN B 167 -40.00 -1.11 -4.23
N ILE B 168 -39.36 -2.21 -3.84
CA ILE B 168 -37.91 -2.32 -3.82
C ILE B 168 -37.49 -3.19 -5.02
N PRO B 169 -36.92 -2.62 -6.06
CA PRO B 169 -36.49 -3.44 -7.20
C PRO B 169 -35.39 -4.41 -6.80
N GLY B 170 -35.21 -5.43 -7.62
CA GLY B 170 -34.23 -6.47 -7.32
C GLY B 170 -32.82 -5.92 -7.18
N LYS B 171 -32.47 -4.93 -7.99
CA LYS B 171 -31.13 -4.35 -7.91
C LYS B 171 -30.90 -3.68 -6.56
N GLN B 172 -31.92 -3.00 -6.03
CA GLN B 172 -31.81 -2.44 -4.69
C GLN B 172 -31.78 -3.52 -3.63
N ARG B 173 -32.51 -4.62 -3.84
CA ARG B 173 -32.56 -5.69 -2.84
C ARG B 173 -31.19 -6.36 -2.68
N ILE B 174 -30.40 -6.45 -3.74
CA ILE B 174 -29.10 -7.11 -3.69
C ILE B 174 -27.96 -6.11 -3.58
N LEU B 175 -28.26 -4.85 -3.23
CA LEU B 175 -27.22 -3.82 -3.22
C LEU B 175 -26.13 -4.14 -2.20
N LEU B 176 -26.52 -4.40 -0.95
CA LEU B 176 -25.52 -4.72 0.07
C LEU B 176 -24.87 -6.07 -0.20
N TYR B 177 -25.63 -7.02 -0.74
CA TYR B 177 -25.06 -8.30 -1.15
C TYR B 177 -23.96 -8.08 -2.18
N LEU B 178 -24.23 -7.23 -3.18
CA LEU B 178 -23.23 -6.92 -4.19
C LEU B 178 -22.04 -6.19 -3.58
N VAL B 179 -22.30 -5.27 -2.64
CA VAL B 179 -21.22 -4.54 -1.99
C VAL B 179 -20.29 -5.50 -1.25
N ASN B 180 -20.87 -6.41 -0.47
CA ASN B 180 -20.06 -7.35 0.28
C ASN B 180 -19.29 -8.30 -0.64
N LYS B 181 -19.93 -8.76 -1.72
CA LYS B 181 -19.22 -9.63 -2.65
C LYS B 181 -18.05 -8.91 -3.30
N LEU B 182 -18.25 -7.66 -3.72
CA LEU B 182 -17.18 -6.91 -4.37
C LEU B 182 -16.02 -6.65 -3.42
N ASN B 183 -16.33 -6.17 -2.21
CA ASN B 183 -15.27 -5.86 -1.24
C ASN B 183 -14.54 -7.12 -0.79
N ASN B 184 -15.25 -8.26 -0.75
CA ASN B 184 -14.58 -9.52 -0.44
C ASN B 184 -13.57 -9.89 -1.53
N ILE B 185 -13.92 -9.65 -2.80
CA ILE B 185 -13.00 -9.94 -3.88
C ILE B 185 -11.76 -9.05 -3.79
N TYR B 186 -11.95 -7.75 -3.51
CA TYR B 186 -10.83 -6.83 -3.44
C TYR B 186 -9.86 -7.24 -2.34
N PHE B 187 -10.38 -7.73 -1.21
CA PHE B 187 -9.51 -8.27 -0.17
C PHE B 187 -8.79 -9.53 -0.65
N ARG B 188 -9.49 -10.38 -1.41
CA ARG B 188 -8.88 -11.63 -1.85
C ARG B 188 -7.75 -11.39 -2.84
N ILE B 189 -7.89 -10.39 -3.72
CA ILE B 189 -6.90 -10.14 -4.76
C ILE B 189 -5.84 -9.18 -4.22
N GLU B 190 -5.85 -8.99 -2.90
CA GLU B 190 -4.84 -8.18 -2.21
C GLU B 190 -4.84 -6.73 -2.69
N SER B 191 -6.01 -6.21 -3.04
CA SER B 191 -6.20 -4.79 -3.32
C SER B 191 -7.40 -4.26 -2.54
N PRO B 192 -7.34 -4.32 -1.21
CA PRO B 192 -8.51 -3.89 -0.41
C PRO B 192 -8.79 -2.41 -0.47
N GLN B 193 -7.84 -1.59 -0.91
CA GLN B 193 -8.13 -0.16 -1.01
C GLN B 193 -9.08 0.17 -2.15
N LEU B 194 -9.27 -0.77 -3.09
CA LEU B 194 -10.31 -0.60 -4.10
C LEU B 194 -11.70 -0.61 -3.50
N CYS B 195 -11.85 -1.06 -2.25
CA CYS B 195 -13.13 -0.95 -1.56
C CYS B 195 -13.58 0.50 -1.36
N SER B 196 -12.62 1.44 -1.41
CA SER B 196 -12.92 2.83 -1.07
C SER B 196 -14.06 3.38 -1.92
N ASN B 197 -14.01 3.13 -3.23
CA ASN B 197 -15.10 3.57 -4.10
C ASN B 197 -16.41 2.90 -3.72
N ILE B 198 -16.37 1.61 -3.39
CA ILE B 198 -17.59 0.88 -3.06
C ILE B 198 -18.20 1.41 -1.77
N PHE B 199 -17.38 1.62 -0.74
CA PHE B 199 -17.89 2.14 0.52
C PHE B 199 -18.48 3.54 0.36
N LYS B 200 -17.81 4.39 -0.41
CA LYS B 200 -18.24 5.78 -0.55
C LYS B 200 -19.58 5.88 -1.24
N ASN B 201 -19.82 5.06 -2.26
CA ASN B 201 -21.01 5.15 -3.08
C ASN B 201 -22.12 4.18 -2.65
N PHE B 202 -21.94 3.49 -1.53
CA PHE B 202 -22.96 2.53 -1.09
C PHE B 202 -24.24 3.26 -0.66
N GLN B 203 -24.14 4.12 0.35
CA GLN B 203 -25.32 4.81 0.86
C GLN B 203 -26.04 5.65 -0.19
N PRO B 204 -25.36 6.47 -1.01
CA PRO B 204 -26.10 7.24 -2.03
C PRO B 204 -26.95 6.39 -2.95
N LYS B 205 -26.52 5.15 -3.24
CA LYS B 205 -27.31 4.26 -4.08
C LYS B 205 -28.45 3.58 -3.34
N SER B 206 -28.45 3.61 -2.01
CA SER B 206 -29.44 2.87 -1.24
C SER B 206 -30.74 3.67 -1.14
N MET B 207 -31.86 2.99 -1.42
CA MET B 207 -33.17 3.62 -1.25
C MET B 207 -33.66 3.52 0.19
N LEU B 208 -33.20 2.52 0.93
CA LEU B 208 -33.50 2.46 2.36
C LEU B 208 -32.73 3.54 3.09
N ALA B 209 -33.40 4.22 4.01
CA ALA B 209 -32.80 5.34 4.72
C ALA B 209 -32.41 4.99 6.15
N HIS B 210 -32.34 3.70 6.46
CA HIS B 210 -31.73 3.24 7.70
C HIS B 210 -30.93 1.99 7.36
N PHE B 211 -29.63 2.01 7.70
CA PHE B 211 -28.76 0.89 7.38
C PHE B 211 -29.26 -0.40 8.03
N ASN B 212 -29.97 -0.29 9.15
CA ASN B 212 -30.46 -1.48 9.86
C ASN B 212 -31.61 -2.16 9.14
N GLU B 213 -32.14 -1.56 8.07
CA GLU B 213 -33.19 -2.20 7.30
C GLU B 213 -32.69 -3.33 6.40
N TYR B 214 -31.38 -3.41 6.18
CA TYR B 214 -30.83 -4.52 5.42
C TYR B 214 -30.80 -5.78 6.29
N GLN B 215 -30.62 -6.92 5.64
CA GLN B 215 -30.51 -8.18 6.36
C GLN B 215 -29.35 -8.13 7.33
N LEU B 216 -29.55 -8.71 8.52
CA LEU B 216 -28.54 -8.59 9.58
C LEU B 216 -27.23 -9.25 9.17
N ASP B 217 -27.30 -10.39 8.48
CA ASP B 217 -26.07 -11.07 8.08
C ASP B 217 -25.27 -10.24 7.10
N GLN B 218 -25.96 -9.53 6.19
CA GLN B 218 -25.26 -8.62 5.29
C GLN B 218 -24.76 -7.37 6.03
N GLN B 219 -25.46 -6.96 7.10
CA GLN B 219 -24.98 -5.87 7.93
C GLN B 219 -23.68 -6.25 8.63
N ILE B 220 -23.61 -7.46 9.18
CA ILE B 220 -22.45 -7.86 9.96
C ILE B 220 -21.21 -7.98 9.07
N GLU B 221 -21.36 -8.61 7.90
CA GLU B 221 -20.22 -8.75 6.99
C GLU B 221 -19.74 -7.39 6.48
N TYR B 222 -20.67 -6.47 6.23
CA TYR B 222 -20.27 -5.14 5.79
C TYR B 222 -19.45 -4.43 6.86
N ARG B 223 -19.88 -4.51 8.12
CA ARG B 223 -19.12 -3.89 9.21
C ARG B 223 -17.77 -4.59 9.39
N TYR B 224 -17.73 -5.90 9.21
CA TYR B 224 -16.48 -6.63 9.29
C TYR B 224 -15.49 -6.13 8.24
N LEU B 225 -15.96 -5.98 7.00
CA LEU B 225 -15.07 -5.53 5.93
C LEU B 225 -14.75 -4.04 6.06
N LEU B 226 -15.73 -3.24 6.50
CA LEU B 226 -15.47 -1.82 6.75
C LEU B 226 -14.45 -1.64 7.85
N GLY B 227 -14.56 -2.43 8.92
CA GLY B 227 -13.57 -2.36 9.98
C GLY B 227 -12.18 -2.75 9.53
N ARG B 228 -12.08 -3.80 8.71
CA ARG B 228 -10.79 -4.21 8.18
C ARG B 228 -10.20 -3.15 7.26
N TYR B 229 -11.05 -2.52 6.45
CA TYR B 229 -10.59 -1.43 5.59
C TYR B 229 -10.08 -0.26 6.43
N TYR B 230 -10.80 0.10 7.49
CA TYR B 230 -10.34 1.17 8.38
C TYR B 230 -9.02 0.80 9.04
N LEU B 231 -8.89 -0.46 9.48
CA LEU B 231 -7.68 -0.89 10.16
C LEU B 231 -6.47 -0.87 9.23
N LEU B 232 -6.66 -1.20 7.95
CA LEU B 232 -5.58 -1.10 6.97
C LEU B 232 -5.10 0.33 6.79
N ASN B 233 -5.93 1.31 7.11
CA ASN B 233 -5.55 2.71 7.08
C ASN B 233 -5.09 3.23 8.43
N SER B 234 -4.83 2.34 9.38
CA SER B 234 -4.35 2.67 10.73
C SER B 234 -5.34 3.52 11.51
N GLN B 235 -6.61 3.53 11.10
CA GLN B 235 -7.65 4.27 11.80
C GLN B 235 -8.30 3.32 12.79
N VAL B 236 -7.69 3.22 13.98
CA VAL B 236 -8.02 2.14 14.92
C VAL B 236 -9.42 2.33 15.49
N HIS B 237 -9.74 3.54 15.94
CA HIS B 237 -11.05 3.77 16.55
C HIS B 237 -12.17 3.59 15.53
N ASN B 238 -11.95 4.06 14.29
CA ASN B 238 -12.94 3.83 13.23
C ASN B 238 -13.18 2.34 13.04
N ALA B 239 -12.11 1.54 13.00
CA ALA B 239 -12.25 0.10 12.85
C ALA B 239 -12.94 -0.51 14.06
N PHE B 240 -12.60 -0.06 15.27
CA PHE B 240 -13.14 -0.66 16.48
C PHE B 240 -14.66 -0.56 16.53
N VAL B 241 -15.20 0.61 16.19
CA VAL B 241 -16.63 0.83 16.28
C VAL B 241 -17.37 -0.15 15.37
N GLN B 242 -16.85 -0.37 14.17
CA GLN B 242 -17.45 -1.35 13.27
C GLN B 242 -17.25 -2.77 13.78
N PHE B 243 -16.04 -3.10 14.24
CA PHE B 243 -15.78 -4.44 14.76
C PHE B 243 -16.66 -4.73 15.98
N ASN B 244 -16.76 -3.78 16.90
CA ASN B 244 -17.55 -3.99 18.11
C ASN B 244 -19.03 -4.13 17.77
N GLU B 245 -19.55 -3.28 16.87
CA GLU B 245 -20.95 -3.36 16.52
C GLU B 245 -21.27 -4.62 15.73
N ALA B 246 -20.34 -5.06 14.88
CA ALA B 246 -20.56 -6.28 14.10
C ALA B 246 -20.64 -7.50 15.01
N PHE B 247 -19.79 -7.55 16.04
CA PHE B 247 -19.77 -8.72 16.92
C PHE B 247 -20.99 -8.74 17.83
N GLN B 248 -21.41 -7.58 18.35
CA GLN B 248 -22.59 -7.54 19.21
C GLN B 248 -23.85 -7.93 18.44
N SER B 249 -23.97 -7.47 17.19
CA SER B 249 -25.10 -7.88 16.37
C SER B 249 -25.06 -9.38 16.10
N LEU B 250 -23.87 -9.95 15.92
CA LEU B 250 -23.74 -11.38 15.70
C LEU B 250 -24.23 -12.17 16.91
N LEU B 251 -23.91 -11.71 18.11
CA LEU B 251 -24.34 -12.42 19.31
C LEU B 251 -25.85 -12.51 19.41
N ASN B 252 -26.57 -11.53 18.88
CA ASN B 252 -28.02 -11.58 18.83
C ASN B 252 -28.48 -12.41 17.64
N ASN B 257 -25.84 -22.09 13.74
CA ASN B 257 -24.87 -22.48 12.73
C ASN B 257 -23.44 -22.44 13.25
N GLN B 258 -22.62 -23.38 12.79
CA GLN B 258 -21.20 -23.31 13.05
C GLN B 258 -20.49 -22.26 12.19
N ALA B 259 -21.10 -21.89 11.06
CA ALA B 259 -20.56 -20.80 10.26
C ALA B 259 -20.67 -19.46 10.98
N ILE B 260 -21.76 -19.26 11.72
CA ILE B 260 -21.89 -18.05 12.53
C ILE B 260 -20.82 -18.02 13.61
N THR B 261 -20.55 -19.16 14.24
CA THR B 261 -19.51 -19.23 15.24
C THR B 261 -18.14 -18.93 14.64
N ARG B 262 -17.85 -19.50 13.47
CA ARG B 262 -16.60 -19.23 12.80
C ARG B 262 -16.50 -17.77 12.36
N ASN B 263 -17.63 -17.18 11.93
CA ASN B 263 -17.63 -15.77 11.58
C ASN B 263 -17.35 -14.90 12.78
N GLY B 264 -17.92 -15.25 13.93
CA GLY B 264 -17.62 -14.52 15.16
C GLY B 264 -16.15 -14.55 15.50
N THR B 265 -15.50 -15.70 15.27
CA THR B 265 -14.06 -15.79 15.46
C THR B 265 -13.32 -14.82 14.54
N ARG B 266 -13.80 -14.68 13.30
CA ARG B 266 -13.13 -13.79 12.35
C ARG B 266 -13.15 -12.34 12.82
N ILE B 267 -14.29 -11.90 13.37
CA ILE B 267 -14.34 -10.55 13.94
C ILE B 267 -13.40 -10.44 15.12
N LEU B 268 -13.38 -11.45 15.99
CA LEU B 268 -12.57 -11.40 17.20
C LEU B 268 -11.09 -11.28 16.89
N ASN B 269 -10.63 -11.94 15.82
CA ASN B 269 -9.23 -11.86 15.43
C ASN B 269 -8.79 -10.41 15.21
N TYR B 270 -9.72 -9.55 14.81
CA TYR B 270 -9.43 -8.13 14.61
C TYR B 270 -9.95 -7.25 15.74
N MET B 271 -11.08 -7.61 16.35
CA MET B 271 -11.64 -6.77 17.41
C MET B 271 -10.74 -6.75 18.65
N ILE B 272 -10.16 -7.90 19.01
CA ILE B 272 -9.32 -7.95 20.21
C ILE B 272 -8.11 -7.04 20.10
N PRO B 273 -7.25 -7.13 19.08
CA PRO B 273 -6.12 -6.19 18.99
C PRO B 273 -6.57 -4.75 18.80
N THR B 274 -7.67 -4.51 18.08
CA THR B 274 -8.16 -3.15 17.90
C THR B 274 -8.61 -2.53 19.21
N GLY B 275 -9.35 -3.30 20.02
CA GLY B 275 -9.76 -2.78 21.32
C GLY B 275 -8.59 -2.58 22.27
N LEU B 276 -7.58 -3.45 22.18
CA LEU B 276 -6.42 -3.34 23.07
C LEU B 276 -5.67 -2.03 22.81
N ILE B 277 -5.55 -1.63 21.54
CA ILE B 277 -4.88 -0.38 21.21
C ILE B 277 -5.59 0.79 21.87
N LEU B 278 -6.93 0.72 21.94
CA LEU B 278 -7.73 1.77 22.58
C LEU B 278 -7.89 1.55 24.09
N GLY B 279 -7.04 0.72 24.69
CA GLY B 279 -7.11 0.47 26.11
C GLY B 279 -8.37 -0.25 26.56
N LYS B 280 -8.90 -1.15 25.74
CA LYS B 280 -10.06 -1.96 26.09
C LYS B 280 -9.68 -3.43 26.04
N MET B 281 -10.07 -4.18 27.07
CA MET B 281 -9.80 -5.60 27.16
C MET B 281 -11.11 -6.38 27.27
N VAL B 282 -11.16 -7.53 26.60
CA VAL B 282 -12.40 -8.32 26.56
C VAL B 282 -12.55 -9.13 27.85
N LYS B 283 -13.78 -9.59 28.09
CA LYS B 283 -14.04 -10.64 29.05
C LYS B 283 -13.97 -11.98 28.33
N TRP B 284 -13.07 -12.85 28.79
CA TRP B 284 -12.84 -14.11 28.08
C TRP B 284 -13.99 -15.10 28.21
N GLY B 285 -14.84 -14.93 29.21
CA GLY B 285 -15.96 -15.82 29.44
C GLY B 285 -16.90 -15.94 28.26
N PRO B 286 -17.58 -14.84 27.91
CA PRO B 286 -18.53 -14.90 26.78
C PRO B 286 -17.87 -15.22 25.45
N LEU B 287 -16.55 -15.10 25.35
CA LEU B 287 -15.85 -15.34 24.09
C LEU B 287 -15.42 -16.79 23.91
N ARG B 288 -15.63 -17.63 24.91
CA ARG B 288 -15.18 -19.02 24.84
C ARG B 288 -15.76 -19.79 23.65
N PRO B 289 -17.06 -19.68 23.31
CA PRO B 289 -17.56 -20.45 22.15
C PRO B 289 -16.91 -20.07 20.84
N PHE B 290 -16.30 -18.89 20.73
CA PHE B 290 -15.71 -18.44 19.48
C PHE B 290 -14.19 -18.61 19.42
N LEU B 291 -13.52 -18.77 20.56
CA LEU B 291 -12.06 -18.79 20.58
C LEU B 291 -11.54 -20.06 21.24
N SER B 292 -10.51 -20.66 20.63
CA SER B 292 -9.83 -21.79 21.25
C SER B 292 -8.97 -21.32 22.41
N GLN B 293 -8.75 -22.23 23.36
CA GLN B 293 -8.12 -21.85 24.62
C GLN B 293 -6.72 -21.26 24.39
N GLU B 294 -5.98 -21.79 23.41
CA GLU B 294 -4.66 -21.25 23.14
C GLU B 294 -4.74 -19.82 22.63
N THR B 295 -5.76 -19.51 21.83
CA THR B 295 -5.97 -18.13 21.40
C THR B 295 -6.22 -17.23 22.59
N ILE B 296 -7.05 -17.67 23.54
CA ILE B 296 -7.30 -16.89 24.75
C ILE B 296 -6.01 -16.72 25.54
N ASP B 297 -5.24 -17.79 25.70
CA ASP B 297 -3.99 -17.71 26.45
C ASP B 297 -3.00 -16.78 25.77
N ASN B 298 -2.95 -16.82 24.44
CA ASN B 298 -1.99 -16.01 23.69
C ASN B 298 -2.23 -14.52 23.92
N TRP B 299 -3.47 -14.07 23.70
CA TRP B 299 -3.80 -12.66 23.92
C TRP B 299 -3.71 -12.28 25.38
N SER B 300 -3.99 -13.22 26.30
CA SER B 300 -3.90 -12.92 27.71
C SER B 300 -2.47 -12.59 28.12
N VAL B 301 -1.48 -13.25 27.50
CA VAL B 301 -0.09 -12.91 27.75
C VAL B 301 0.21 -11.49 27.32
N LEU B 302 -0.23 -11.13 26.11
CA LEU B 302 -0.09 -9.74 25.65
C LEU B 302 -0.88 -8.81 26.54
N TYR B 303 -2.08 -9.22 26.96
CA TYR B 303 -2.86 -8.45 27.92
C TYR B 303 -2.05 -8.18 29.18
N LYS B 304 -1.32 -9.19 29.66
CA LYS B 304 -0.51 -9.02 30.86
C LYS B 304 0.61 -8.01 30.65
N HIS B 305 1.31 -8.10 29.52
CA HIS B 305 2.40 -7.18 29.25
C HIS B 305 1.91 -5.73 29.15
N VAL B 306 0.81 -5.52 28.43
CA VAL B 306 0.30 -4.17 28.24
C VAL B 306 -0.23 -3.60 29.54
N ARG B 307 -0.96 -4.41 30.32
CA ARG B 307 -1.64 -3.90 31.50
C ARG B 307 -0.65 -3.37 32.53
N TYR B 308 0.50 -4.03 32.67
CA TYR B 308 1.47 -3.69 33.69
C TYR B 308 2.69 -2.96 33.14
N GLY B 309 2.64 -2.53 31.88
CA GLY B 309 3.69 -1.67 31.33
C GLY B 309 5.00 -2.34 31.01
N ASN B 310 4.97 -3.54 30.44
CA ASN B 310 6.18 -4.28 30.06
C ASN B 310 6.41 -4.09 28.57
N ILE B 311 7.30 -3.15 28.22
CA ILE B 311 7.59 -2.88 26.80
C ILE B 311 8.25 -4.09 26.15
N GLN B 312 9.23 -4.69 26.83
CA GLN B 312 9.93 -5.83 26.26
C GLN B 312 9.00 -7.01 26.04
N GLY B 313 8.04 -7.22 26.94
CA GLY B 313 7.08 -8.30 26.76
C GLY B 313 6.20 -8.09 25.56
N VAL B 314 5.74 -6.86 25.34
CA VAL B 314 4.93 -6.57 24.15
C VAL B 314 5.73 -6.83 22.88
N SER B 315 6.99 -6.39 22.86
CA SER B 315 7.82 -6.61 21.68
C SER B 315 8.06 -8.10 21.44
N LEU B 316 8.34 -8.85 22.50
CA LEU B 316 8.60 -10.28 22.34
C LEU B 316 7.34 -11.04 21.95
N TRP B 317 6.18 -10.61 22.48
CA TRP B 317 4.93 -11.25 22.10
C TRP B 317 4.64 -11.04 20.62
N LEU B 318 4.84 -9.82 20.13
CA LEU B 318 4.65 -9.56 18.70
C LEU B 318 5.65 -10.35 17.87
N ARG B 319 6.88 -10.47 18.35
CA ARG B 319 7.88 -11.27 17.65
C ARG B 319 7.45 -12.72 17.54
N GLN B 320 6.91 -13.28 18.62
CA GLN B 320 6.44 -14.66 18.61
C GLN B 320 5.30 -14.84 17.61
N ASN B 321 4.39 -13.87 17.55
CA ASN B 321 3.19 -13.96 16.72
C ASN B 321 3.35 -13.28 15.37
N GLU B 322 4.59 -13.01 14.95
CA GLU B 322 4.83 -12.09 13.84
C GLU B 322 4.16 -12.56 12.54
N ARG B 323 4.26 -13.86 12.24
CA ARG B 323 3.80 -14.34 10.93
C ARG B 323 2.28 -14.22 10.79
N HIS B 324 1.53 -14.72 11.76
CA HIS B 324 0.08 -14.69 11.60
C HIS B 324 -0.49 -13.29 11.81
N LEU B 325 0.20 -12.45 12.58
CA LEU B 325 -0.19 -11.04 12.65
C LEU B 325 0.02 -10.35 11.31
N CYS B 326 1.11 -10.68 10.62
CA CYS B 326 1.35 -10.10 9.30
C CYS B 326 0.29 -10.54 8.30
N ALA B 327 -0.17 -11.79 8.40
CA ALA B 327 -1.17 -12.28 7.46
C ALA B 327 -2.49 -11.52 7.59
N ARG B 328 -2.80 -11.01 8.78
CA ARG B 328 -3.99 -10.19 9.00
C ARG B 328 -3.68 -8.70 8.99
N GLN B 329 -2.47 -8.30 8.60
CA GLN B 329 -2.04 -6.90 8.60
C GLN B 329 -2.22 -6.26 9.98
N LEU B 330 -1.83 -7.00 11.01
CA LEU B 330 -1.93 -6.54 12.38
C LEU B 330 -0.60 -6.20 13.02
N LEU B 331 0.51 -6.70 12.47
CA LEU B 331 1.81 -6.55 13.13
C LEU B 331 2.22 -5.09 13.25
N ILE B 332 2.10 -4.32 12.16
CA ILE B 332 2.62 -2.96 12.14
C ILE B 332 1.81 -2.06 13.07
N VAL B 333 0.48 -2.15 12.98
CA VAL B 333 -0.36 -1.27 13.80
C VAL B 333 -0.21 -1.61 15.28
N LEU B 334 -0.07 -2.90 15.61
CA LEU B 334 0.19 -3.27 16.99
C LEU B 334 1.56 -2.81 17.45
N LEU B 335 2.57 -2.96 16.60
CA LEU B 335 3.92 -2.54 16.96
C LEU B 335 3.99 -1.04 17.21
N GLU B 336 3.18 -0.26 16.52
CA GLU B 336 3.26 1.20 16.61
C GLU B 336 2.44 1.78 17.75
N LYS B 337 1.19 1.32 17.90
CA LYS B 337 0.23 2.01 18.75
C LYS B 337 -0.02 1.34 20.09
N LEU B 338 0.53 0.14 20.31
CA LEU B 338 0.47 -0.51 21.62
C LEU B 338 1.42 0.10 22.64
N PRO B 339 2.66 0.49 22.26
CA PRO B 339 3.59 0.99 23.29
C PRO B 339 3.06 2.12 24.14
N MET B 340 2.32 3.07 23.56
CA MET B 340 1.88 4.22 24.33
C MET B 340 0.86 3.83 25.41
N VAL B 341 0.02 2.83 25.14
CA VAL B 341 -0.81 2.26 26.19
C VAL B 341 0.06 1.58 27.24
N THR B 342 1.05 0.81 26.80
CA THR B 342 1.97 0.16 27.72
C THR B 342 2.76 1.17 28.53
N TYR B 343 3.23 2.24 27.87
CA TYR B 343 3.97 3.29 28.59
C TYR B 343 3.10 3.96 29.64
N ARG B 344 1.83 4.24 29.30
CA ARG B 344 0.93 4.88 30.25
C ARG B 344 0.78 4.05 31.51
N ASN B 345 0.56 2.74 31.36
CA ASN B 345 0.39 1.87 32.51
C ASN B 345 1.67 1.78 33.34
N LEU B 346 2.82 1.73 32.67
CA LEU B 346 4.08 1.73 33.41
C LEU B 346 4.27 3.02 34.19
N ILE B 347 3.94 4.16 33.58
CA ILE B 347 4.06 5.45 34.26
C ILE B 347 3.02 5.56 35.38
N LYS B 348 1.82 5.03 35.15
CA LYS B 348 0.77 5.08 36.17
C LYS B 348 1.19 4.38 37.44
N THR B 349 1.80 3.20 37.33
CA THR B 349 2.27 2.48 38.51
C THR B 349 3.36 3.27 39.22
N VAL B 350 4.22 3.94 38.47
CA VAL B 350 5.27 4.77 39.09
C VAL B 350 4.65 5.89 39.90
N ILE B 351 3.69 6.61 39.31
CA ILE B 351 3.08 7.74 40.01
C ILE B 351 2.27 7.26 41.20
N LYS B 352 1.64 6.08 41.10
CA LYS B 352 0.87 5.56 42.22
C LYS B 352 1.72 5.40 43.47
N SER B 353 2.93 4.85 43.32
CA SER B 353 3.82 4.71 44.47
C SER B 353 4.53 6.03 44.77
N TRP B 354 5.05 6.69 43.74
CA TRP B 354 5.87 7.88 43.97
C TRP B 354 5.03 9.06 44.49
N THR B 355 3.89 9.32 43.86
CA THR B 355 3.12 10.53 44.13
C THR B 355 1.96 10.30 45.09
N THR B 356 1.05 9.39 44.75
CA THR B 356 -0.16 9.23 45.55
C THR B 356 0.14 8.57 46.90
N GLU B 357 1.22 7.80 46.98
CA GLU B 357 1.60 7.11 48.22
C GLU B 357 2.70 7.85 48.96
N TRP B 358 3.83 8.10 48.30
CA TRP B 358 4.99 8.71 48.95
C TRP B 358 5.01 10.22 48.83
N GLY B 359 3.99 10.83 48.24
CA GLY B 359 3.78 12.26 48.33
C GLY B 359 4.63 13.13 47.43
N GLN B 360 5.47 12.55 46.57
CA GLN B 360 6.41 13.33 45.75
C GLN B 360 5.76 13.62 44.40
N ASN B 361 5.40 14.88 44.18
CA ASN B 361 4.80 15.30 42.92
C ASN B 361 5.83 15.61 41.84
N LYS B 362 7.12 15.60 42.18
CA LYS B 362 8.19 15.80 41.21
C LYS B 362 8.82 14.44 40.90
N LEU B 363 8.90 14.11 39.61
CA LEU B 363 9.47 12.84 39.18
C LEU B 363 10.78 13.09 38.44
N PRO B 364 11.93 12.79 39.03
CA PRO B 364 13.20 12.97 38.31
C PRO B 364 13.27 12.08 37.08
N TYR B 365 13.89 12.59 36.01
CA TYR B 365 14.04 11.80 34.80
C TYR B 365 14.87 10.55 35.05
N SER B 366 15.82 10.62 35.98
CA SER B 366 16.63 9.44 36.30
C SER B 366 15.78 8.32 36.87
N LEU B 367 14.76 8.67 37.66
CA LEU B 367 13.83 7.66 38.15
C LEU B 367 13.09 6.99 37.01
N ILE B 368 12.62 7.78 36.04
CA ILE B 368 11.91 7.22 34.89
C ILE B 368 12.85 6.36 34.05
N GLU B 369 14.10 6.80 33.89
CA GLU B 369 15.06 6.02 33.13
C GLU B 369 15.29 4.65 33.76
N ARG B 370 15.42 4.61 35.08
CA ARG B 370 15.56 3.33 35.77
C ARG B 370 14.33 2.46 35.57
N VAL B 371 13.14 3.06 35.64
CA VAL B 371 11.91 2.33 35.38
C VAL B 371 11.88 1.86 33.93
N LEU B 372 12.23 2.74 32.99
CA LEU B 372 12.22 2.38 31.58
C LEU B 372 13.25 1.31 31.25
N GLN B 373 14.40 1.31 31.95
CA GLN B 373 15.41 0.28 31.72
C GLN B 373 14.87 -1.10 32.02
N LEU B 374 14.10 -1.23 33.10
CA LEU B 374 13.48 -2.51 33.42
C LEU B 374 12.43 -2.90 32.38
N SER B 375 11.59 -1.94 31.97
CA SER B 375 10.50 -2.26 31.05
C SER B 375 11.01 -2.58 29.66
N ILE B 376 11.92 -1.76 29.13
CA ILE B 376 12.35 -1.92 27.74
C ILE B 376 13.37 -3.05 27.63
N GLY B 377 14.34 -3.08 28.53
CA GLY B 377 15.40 -4.06 28.45
C GLY B 377 16.37 -3.77 27.31
N PRO B 378 16.73 -4.82 26.55
CA PRO B 378 17.71 -4.65 25.48
C PRO B 378 17.23 -3.74 24.36
N THR B 379 18.17 -3.01 23.78
CA THR B 379 17.92 -2.10 22.66
C THR B 379 18.99 -2.39 21.60
N PHE B 380 18.80 -1.79 20.42
CA PHE B 380 19.70 -2.05 19.29
C PHE B 380 21.15 -1.73 19.63
N GLU B 381 21.39 -0.68 20.44
CA GLU B 381 22.76 -0.29 20.76
C GLU B 381 23.43 -1.27 21.72
N ASP B 382 22.66 -2.00 22.52
CA ASP B 382 23.24 -2.79 23.60
C ASP B 382 24.06 -3.97 23.07
N PRO B 383 25.05 -4.42 23.83
CA PRO B 383 25.74 -5.68 23.47
C PRO B 383 24.76 -6.85 23.49
N GLY B 384 24.99 -7.80 22.58
CA GLY B 384 24.16 -8.96 22.43
C GLY B 384 23.10 -8.84 21.35
N ALA B 385 22.77 -7.62 20.94
CA ALA B 385 21.85 -7.37 19.82
C ALA B 385 22.55 -6.35 18.92
N GLN B 386 23.37 -6.84 18.00
CA GLN B 386 24.18 -5.98 17.15
C GLN B 386 23.54 -5.74 15.79
N GLU B 387 22.33 -6.24 15.55
CA GLU B 387 21.59 -5.97 14.33
C GLU B 387 20.22 -5.39 14.71
N ILE B 388 19.79 -4.38 13.96
CA ILE B 388 18.55 -3.68 14.28
C ILE B 388 17.37 -4.51 13.83
N THR B 389 16.35 -4.58 14.68
CA THR B 389 15.07 -5.16 14.34
C THR B 389 13.97 -4.21 14.81
N ILE B 390 12.76 -4.45 14.33
CA ILE B 390 11.60 -3.68 14.79
C ILE B 390 11.32 -3.90 16.27
N TYR B 391 11.96 -4.90 16.88
CA TYR B 391 11.71 -5.25 18.27
C TYR B 391 12.73 -4.66 19.24
N ASN B 392 13.91 -4.26 18.77
CA ASN B 392 14.91 -3.64 19.64
C ASN B 392 15.36 -2.27 19.17
N GLY B 393 14.85 -1.77 18.05
CA GLY B 393 15.31 -0.53 17.47
C GLY B 393 14.48 0.70 17.70
N ILE B 394 13.32 0.57 18.35
CA ILE B 394 12.39 1.68 18.51
C ILE B 394 12.47 2.28 19.91
N HIS B 395 12.48 1.44 20.94
CA HIS B 395 12.35 1.88 22.32
C HIS B 395 13.70 1.86 23.02
N SER B 396 14.04 2.97 23.68
CA SER B 396 15.29 3.10 24.40
C SER B 396 15.01 3.82 25.71
N PRO B 397 15.55 3.34 26.83
CA PRO B 397 15.33 4.02 28.12
C PRO B 397 15.93 5.41 28.19
N LYS B 398 16.85 5.77 27.30
CA LYS B 398 17.46 7.09 27.35
C LYS B 398 16.46 8.20 27.04
N ASN B 399 15.42 7.89 26.27
CA ASN B 399 14.50 8.91 25.77
C ASN B 399 13.35 9.14 26.75
N VAL B 400 13.72 9.54 27.96
CA VAL B 400 12.73 9.72 29.03
C VAL B 400 11.79 10.88 28.69
N GLU B 401 12.35 12.02 28.29
CA GLU B 401 11.52 13.19 28.02
C GLU B 401 10.60 12.94 26.83
N ASN B 402 11.10 12.25 25.80
CA ASN B 402 10.26 11.96 24.63
C ASN B 402 9.06 11.11 25.03
N VAL B 403 9.29 10.07 25.84
CA VAL B 403 8.20 9.20 26.27
C VAL B 403 7.17 10.01 27.06
N LEU B 404 7.64 10.85 27.99
CA LEU B 404 6.73 11.68 28.76
C LEU B 404 5.98 12.66 27.87
N VAL B 405 6.68 13.28 26.92
CA VAL B 405 6.07 14.33 26.09
C VAL B 405 4.92 13.76 25.28
N THR B 406 5.14 12.61 24.63
CA THR B 406 4.07 12.00 23.84
C THR B 406 2.91 11.57 24.73
N LEU B 407 3.20 11.02 25.90
CA LEU B 407 2.13 10.65 26.83
C LEU B 407 1.28 11.86 27.21
N ILE B 408 1.93 13.00 27.49
CA ILE B 408 1.19 14.23 27.77
C ILE B 408 0.44 14.70 26.53
N ASN B 409 1.10 14.68 25.37
CA ASN B 409 0.47 15.19 24.16
C ASN B 409 -0.69 14.33 23.69
N LEU B 410 -0.71 13.05 24.05
CA LEU B 410 -1.85 12.19 23.76
C LEU B 410 -2.96 12.31 24.80
N GLY B 411 -2.76 13.14 25.84
CA GLY B 411 -3.73 13.28 26.90
C GLY B 411 -3.72 12.17 27.93
N LEU B 412 -2.81 11.21 27.82
CA LEU B 412 -2.76 10.08 28.73
C LEU B 412 -2.06 10.42 30.04
N LEU B 413 -1.29 11.51 30.09
CA LEU B 413 -0.56 11.90 31.29
C LEU B 413 -0.73 13.39 31.50
N ARG B 414 -1.27 13.78 32.65
CA ARG B 414 -1.38 15.18 33.04
C ARG B 414 -0.12 15.54 33.80
N ALA B 415 0.84 16.17 33.11
CA ALA B 415 2.12 16.47 33.73
C ALA B 415 2.76 17.63 32.99
N ASN B 416 3.74 18.23 33.65
CA ASN B 416 4.58 19.27 33.07
C ASN B 416 6.02 18.78 33.01
N CYS B 417 6.73 19.16 31.98
CA CYS B 417 8.12 18.77 31.79
C CYS B 417 9.04 19.96 32.03
N PHE B 418 10.16 19.71 32.70
CA PHE B 418 11.17 20.73 32.99
C PHE B 418 12.49 20.20 32.47
N PRO B 419 12.80 20.42 31.19
CA PRO B 419 14.01 19.82 30.60
C PRO B 419 15.30 20.26 31.27
N GLN B 420 15.38 21.51 31.73
CA GLN B 420 16.59 21.97 32.37
C GLN B 420 16.75 21.36 33.76
N LEU B 421 15.64 21.20 34.48
CA LEU B 421 15.66 20.55 35.79
C LEU B 421 15.69 19.04 35.70
N GLN B 422 15.47 18.47 34.52
CA GLN B 422 15.47 17.02 34.31
C GLN B 422 14.48 16.33 35.25
N LEU B 423 13.26 16.86 35.31
CA LEU B 423 12.24 16.27 36.16
C LEU B 423 10.86 16.54 35.55
N CYS B 424 9.88 15.76 36.02
CA CYS B 424 8.51 15.81 35.54
C CYS B 424 7.59 16.09 36.72
N VAL B 425 6.71 17.07 36.57
CA VAL B 425 5.87 17.55 37.66
C VAL B 425 4.42 17.16 37.38
N VAL B 426 3.80 16.47 38.34
CA VAL B 426 2.40 16.09 38.27
C VAL B 426 1.64 16.82 39.37
N LYS B 427 0.31 16.77 39.29
CA LYS B 427 -0.54 17.44 40.26
C LYS B 427 -0.44 16.75 41.62
N LYS B 428 -0.47 17.55 42.68
CA LYS B 428 -0.38 17.05 44.05
C LYS B 428 -1.73 16.48 44.46
N THR B 429 -1.83 15.15 44.50
CA THR B 429 -3.10 14.51 44.84
C THR B 429 -2.86 13.06 45.22
N THR B 430 -3.89 12.46 45.83
CA THR B 430 -3.94 11.02 46.06
C THR B 430 -4.76 10.29 45.02
N MET B 431 -5.65 10.99 44.32
CA MET B 431 -6.49 10.39 43.28
C MET B 431 -5.66 10.21 42.02
N ILE B 432 -5.30 8.95 41.72
CA ILE B 432 -4.43 8.69 40.58
C ILE B 432 -5.10 9.05 39.26
N GLN B 433 -6.42 8.87 39.16
CA GLN B 433 -7.12 9.16 37.91
C GLN B 433 -7.08 10.64 37.55
N GLU B 434 -6.74 11.52 38.50
CA GLU B 434 -6.55 12.92 38.16
C GLU B 434 -5.24 13.13 37.40
N ILE B 435 -4.23 12.31 37.68
CA ILE B 435 -2.94 12.41 37.00
C ILE B 435 -2.92 11.56 35.73
N VAL B 436 -3.45 10.34 35.81
CA VAL B 436 -3.47 9.40 34.69
C VAL B 436 -4.92 9.03 34.39
N PRO B 437 -5.60 9.76 33.51
CA PRO B 437 -7.04 9.51 33.27
C PRO B 437 -7.24 8.18 32.56
N PRO B 438 -8.47 7.65 32.55
CA PRO B 438 -8.73 6.38 31.87
C PRO B 438 -8.37 6.46 30.39
N VAL B 439 -7.73 5.39 29.89
CA VAL B 439 -7.11 5.42 28.57
C VAL B 439 -8.17 5.54 27.48
N ASN B 440 -9.21 4.68 27.54
CA ASN B 440 -10.14 4.60 26.43
C ASN B 440 -10.89 5.90 26.23
N GLU B 441 -11.28 6.56 27.33
CA GLU B 441 -11.96 7.84 27.22
C GLU B 441 -11.04 8.89 26.62
N ARG B 442 -9.78 8.93 27.05
CA ARG B 442 -8.86 9.95 26.54
C ARG B 442 -8.60 9.78 25.05
N ILE B 443 -8.37 8.55 24.61
CA ILE B 443 -8.06 8.32 23.20
C ILE B 443 -9.28 8.63 22.34
N THR B 444 -10.46 8.14 22.74
CA THR B 444 -11.65 8.32 21.92
C THR B 444 -12.09 9.78 21.89
N LYS B 445 -11.81 10.55 22.94
CA LYS B 445 -12.10 11.98 22.90
C LYS B 445 -11.19 12.70 21.91
N MET B 446 -9.91 12.32 21.88
CA MET B 446 -8.97 12.95 20.94
C MET B 446 -9.22 12.48 19.52
N PHE B 447 -9.64 11.24 19.33
CA PHE B 447 -9.88 10.65 18.01
C PHE B 447 -11.30 10.10 17.94
N PRO B 448 -12.30 10.97 17.84
CA PRO B 448 -13.68 10.48 17.68
C PRO B 448 -13.82 9.68 16.39
N ALA B 449 -14.63 8.64 16.44
CA ALA B 449 -14.81 7.73 15.32
C ALA B 449 -16.08 8.09 14.55
N HIS B 450 -16.15 7.56 13.31
CA HIS B 450 -17.38 7.64 12.56
C HIS B 450 -18.44 6.78 13.23
N SER B 451 -19.68 7.28 13.24
CA SER B 451 -20.73 6.67 14.05
C SER B 451 -21.00 5.23 13.64
N HIS B 452 -21.29 4.39 14.63
CA HIS B 452 -21.72 3.02 14.36
C HIS B 452 -22.99 2.99 13.52
N VAL B 453 -23.89 3.95 13.77
CA VAL B 453 -25.06 4.14 12.91
C VAL B 453 -24.56 4.71 11.59
N LEU B 454 -24.50 3.87 10.55
CA LEU B 454 -24.05 4.36 9.25
C LEU B 454 -24.99 5.41 8.70
N TRP B 455 -26.30 5.18 8.79
CA TRP B 455 -27.32 6.17 8.44
C TRP B 455 -28.70 5.69 8.85
N ASP C 32 -9.56 -19.06 6.85
CA ASP C 32 -9.54 -17.87 6.00
C ASP C 32 -10.40 -16.77 6.58
N ASP C 33 -10.06 -15.52 6.26
CA ASP C 33 -10.71 -14.37 6.88
C ASP C 33 -12.06 -14.03 6.28
N GLU C 34 -12.39 -14.59 5.11
CA GLU C 34 -13.68 -14.27 4.50
C GLU C 34 -14.82 -14.95 5.26
N PHE C 35 -15.93 -14.25 5.38
CA PHE C 35 -17.10 -14.79 6.05
C PHE C 35 -17.68 -15.95 5.27
N GLU C 36 -18.37 -16.83 5.97
CA GLU C 36 -19.19 -17.87 5.36
C GLU C 36 -20.66 -17.47 5.41
N ASP C 37 -21.48 -18.14 4.62
CA ASP C 37 -22.87 -17.73 4.46
C ASP C 37 -23.69 -18.03 5.71
N PHE C 38 -24.61 -17.13 6.03
CA PHE C 38 -25.52 -17.31 7.17
C PHE C 38 -26.73 -16.39 7.06
N PRO C 39 -27.59 -16.58 6.05
CA PRO C 39 -28.74 -15.67 5.90
C PRO C 39 -29.70 -15.77 7.08
N ILE C 40 -30.32 -14.64 7.40
CA ILE C 40 -31.22 -14.55 8.57
C ILE C 40 -32.68 -14.74 8.17
N ASN C 58 -22.38 -7.76 27.82
CA ASN C 58 -21.26 -6.90 27.45
C ASN C 58 -19.97 -7.71 27.33
N ILE C 59 -19.06 -7.22 26.49
CA ILE C 59 -17.86 -7.96 26.12
C ILE C 59 -16.65 -7.47 26.90
N TRP C 60 -16.67 -6.20 27.29
CA TRP C 60 -15.47 -5.50 27.74
C TRP C 60 -15.43 -5.36 29.25
N GLU C 61 -14.24 -5.52 29.81
CA GLU C 61 -14.02 -5.22 31.22
C GLU C 61 -14.36 -3.77 31.50
N GLU C 62 -15.37 -3.55 32.35
CA GLU C 62 -15.79 -2.18 32.64
C GLU C 62 -14.68 -1.36 33.26
N ASN C 63 -13.80 -2.01 34.03
CA ASN C 63 -12.70 -1.29 34.69
C ASN C 63 -11.57 -2.29 34.92
N TRP C 64 -10.53 -2.22 34.09
CA TRP C 64 -9.26 -2.85 34.38
C TRP C 64 -8.26 -1.88 35.01
N ASP C 65 -8.66 -0.63 35.20
CA ASP C 65 -7.86 0.36 35.91
C ASP C 65 -8.08 0.33 37.42
N ASP C 66 -9.06 -0.43 37.90
CA ASP C 66 -9.37 -0.49 39.32
C ASP C 66 -8.97 -1.82 39.93
N VAL C 69 -4.15 -7.36 41.46
CA VAL C 69 -3.66 -8.66 41.00
C VAL C 69 -2.13 -8.67 40.99
N ASP C 70 -1.56 -9.73 41.56
CA ASP C 70 -0.11 -9.86 41.60
C ASP C 70 0.47 -10.06 40.21
N ASP C 71 1.56 -9.37 39.92
CA ASP C 71 2.32 -9.57 38.70
C ASP C 71 3.81 -9.57 39.02
N ASP C 72 4.55 -10.50 38.42
CA ASP C 72 5.98 -10.58 38.66
C ASP C 72 6.69 -9.33 38.18
N PHE C 73 6.32 -8.83 36.99
CA PHE C 73 6.92 -7.59 36.49
C PHE C 73 6.59 -6.41 37.40
N THR C 74 5.35 -6.34 37.87
CA THR C 74 4.97 -5.25 38.78
C THR C 74 5.78 -5.30 40.07
N ASN C 75 5.97 -6.50 40.63
CA ASN C 75 6.71 -6.63 41.88
C ASN C 75 8.15 -6.16 41.73
N GLU C 76 8.81 -6.56 40.63
CA GLU C 76 10.17 -6.08 40.38
C GLU C 76 10.19 -4.58 40.14
N LEU C 77 9.10 -4.03 39.61
CA LEU C 77 9.04 -2.59 39.34
C LEU C 77 9.04 -1.78 40.63
N LYS C 78 8.19 -2.16 41.60
CA LYS C 78 8.23 -1.47 42.88
C LYS C 78 9.46 -1.84 43.70
N ALA C 79 10.06 -3.00 43.42
CA ALA C 79 11.37 -3.29 44.01
C ALA C 79 12.41 -2.28 43.54
N GLU C 80 12.39 -1.93 42.26
CA GLU C 80 13.25 -0.86 41.76
C GLU C 80 12.80 0.50 42.28
N LEU C 81 11.48 0.70 42.39
CA LEU C 81 10.96 1.97 42.88
C LEU C 81 11.39 2.23 44.32
N ASP C 82 11.30 1.20 45.18
CA ASP C 82 11.72 1.36 46.56
C ASP C 82 13.23 1.54 46.66
N ARG C 83 13.99 0.76 45.88
CA ARG C 83 15.44 0.84 45.92
C ARG C 83 15.94 2.21 45.47
N TYR C 84 15.28 2.79 44.45
CA TYR C 84 15.61 4.15 44.05
C TYR C 84 15.33 5.14 45.18
N LYS C 85 14.27 4.90 45.95
CA LYS C 85 13.89 5.82 47.02
C LYS C 85 14.97 5.87 48.11
N ARG C 86 15.47 4.70 48.52
CA ARG C 86 16.49 4.66 49.57
C ARG C 86 17.79 5.33 49.12
N GLU C 87 18.21 5.08 47.88
CA GLU C 87 19.47 5.61 47.39
C GLU C 87 19.42 7.12 47.12
N ASN C 88 18.24 7.73 47.13
CA ASN C 88 18.11 9.15 46.86
C ASN C 88 17.37 9.86 47.99
N LEU D 10 6.59 26.58 40.74
CA LEU D 10 6.85 25.22 40.28
C LEU D 10 5.76 24.26 40.73
N GLU D 11 4.66 24.22 39.99
CA GLU D 11 3.58 23.29 40.26
C GLU D 11 2.91 22.94 38.94
N TYR D 12 2.02 21.95 38.98
CA TYR D 12 1.37 21.50 37.76
C TYR D 12 0.37 22.54 37.28
N SER D 13 0.52 22.96 36.03
CA SER D 13 -0.42 23.82 35.34
C SER D 13 -1.00 23.05 34.17
N ASP D 14 -2.33 22.92 34.14
CA ASP D 14 -2.96 22.14 33.09
C ASP D 14 -2.95 22.89 31.77
N ASN D 15 -2.71 22.15 30.69
CA ASN D 15 -2.70 22.70 29.33
C ASN D 15 -3.56 21.84 28.41
N GLU D 16 -4.72 21.40 28.90
CA GLU D 16 -5.60 20.58 28.07
C GLU D 16 -6.13 21.33 26.87
N GLN D 17 -6.33 22.65 27.00
CA GLN D 17 -6.78 23.44 25.87
C GLN D 17 -5.78 23.38 24.72
N GLU D 18 -4.49 23.51 25.03
CA GLU D 18 -3.46 23.37 24.01
C GLU D 18 -3.37 21.92 23.52
N ILE D 19 -3.49 20.95 24.43
CA ILE D 19 -3.43 19.55 24.04
C ILE D 19 -4.63 19.16 23.18
N GLN D 20 -5.82 19.63 23.57
CA GLN D 20 -7.04 19.33 22.83
C GLN D 20 -7.45 20.52 21.95
#